data_8D2P
#
_entry.id   8D2P
#
_cell.length_a   1.00
_cell.length_b   1.00
_cell.length_c   1.00
_cell.angle_alpha   90.00
_cell.angle_beta   90.00
_cell.angle_gamma   90.00
#
_symmetry.space_group_name_H-M   'P 1'
#
loop_
_entity.id
_entity.type
_entity.pdbx_description
1 polymer 'CRISPR-associated endonuclease, Csn1 family'
2 polymer 'Single guide RNA (102-MER)'
3 polymer "DNA target strand (5'-D(P*CP*CP*AP*GP*GP*AP*TP*CP*TP*TP*GP*CP*CP*AP*TP*CP*CP*TP*AP*CP*CP*TP*CP*T)-3')"
4 non-polymer 'MAGNESIUM ION'
5 water water
#
loop_
_entity_poly.entity_id
_entity_poly.type
_entity_poly.pdbx_seq_one_letter_code
_entity_poly.pdbx_strand_id
1 'polypeptide(L)'
;MGGSEVGTVPVTWRLGVDVGERSIGLAAVSYEEDKPKEILAAVSWIHDGGVGDERSGASRLALRGMARRARRLRRFRRAR
LRDLDMLLSELGWTPLPDKNVSPVDAWLARKRLAEEYVVDETERRRLLGYAVSHMARHRGWRNPWTTIKDLKNLPQPSDS
WERTRESLEARYSVSLEPGTVGQWAGYLLQRAPGIRLNPTQQSAGRRAELSNATAFETRLRQEDVLWELRCIADVQGLPE
DVVSNVIDAVFCQKRPSVPAERIGRDPLDPSQLRASRACLEFQEYRIVAAVANLRIRDGSGSRPLSLEERNAVIEALLAQ
TERSLTWSDIALEILKLPNESDLTSVPEEDGPSSLAYSQFAPFDETSARIAEFIAKNRRKIPTFAQWWQEQDRTSRSDLV
AALADNSIAGEEEQELLVHLPDAELEALEGLALPSGRVAYSRLTLSGLTRVMRDDGVDVHNARKTCFGVDDNWRPPLPAL
HEATGHPVVDRNLAILRKFLSSATMRWGPPQSIVVELARGASESRERQAEEEAARRAHRKANDRIRAELRASGLSDPSPA
DLVRARLLELYDCHCMYCGAPISWENSELDHIVPRTDGGSNRHENLAITCGACNKEKGRRPFASWAETSNRVQLRDVIDR
VQKLKYSGNMYWTRDEFSRYKKSVVARLKRRTSDPEVIQSIESTGYAAVALRDRLLSYGEKNGVAQVAVFRGGVTAEARR
WLDISIERLFSRVAIFAQSTSTKRLDRRHHAVDAVVLTTLTPGVAKTLADARSRRVSAEFWRRPSDVNRHSTEEPQSPAY
RQWKESCSGLGDLLISTAARDSIAVAAPLRLRPTGALHEETLRAFSEHTVGAAWKGAELRRIVEPEVYAAFLALTDPGGR
FLKVSPSEDVLPADENRHIVLSDRVLGPRDRVKLFPDDRGSIRVRGGAAYIASFHHARVFRWGSSHSPSFALLRVSLADL
AVAGLLRDGVDVFTAELPPWTPAWRYASIALVKAVESGDAKQVGWLVPGDELDFGPEGVTTAAGDLSMFLKYFPERHWVV
TGFEDDKRINLKPAFLSAEQAEVLRTERSDRPDTLTEAGEILAQFFPRCWRATVAKVLCHPGLTVIRRTALGQPRWRRGH
LPYSWRPWSADPWSGGTP
;
A
2 'polyribonucleotide'
;(GTP)GUAGGAUGGCAAGAUCCUGGUAUGCUGGGGAGCCUGAAAAGGCUACCUAGCAAGACCCCUUCGUGGGGUCGCAUU
CUUCACCCCCUCGCAGCAGCGAGGGGGUUC
;
B
3 'polydeoxyribonucleotide'
;(DC)(DC)(DA)(DG)(DG)(DA)(DT)(DC)(DT)(DT)(DG)(DC)(DC)(DA)(DT)(DC)(DC)(DT)(DA)(DC)
(DC)(DT)(DC)(DT)
;
T
#
# COMPACT_ATOMS: atom_id res chain seq x y z
N GLY A 7 16.70 3.52 -40.35
CA GLY A 7 16.03 3.91 -39.13
C GLY A 7 16.96 3.93 -37.93
N THR A 8 17.58 2.79 -37.64
CA THR A 8 18.50 2.69 -36.52
C THR A 8 19.85 3.28 -36.90
N VAL A 9 20.39 4.14 -36.03
CA VAL A 9 21.72 4.71 -36.19
C VAL A 9 22.59 4.16 -35.07
N PRO A 10 23.20 2.99 -35.23
CA PRO A 10 23.88 2.35 -34.09
C PRO A 10 25.20 3.02 -33.74
N VAL A 11 25.31 3.41 -32.46
CA VAL A 11 26.54 3.94 -31.88
C VAL A 11 26.80 3.20 -30.58
N THR A 12 28.01 3.37 -30.04
CA THR A 12 28.36 2.79 -28.76
C THR A 12 27.88 3.73 -27.66
N TRP A 13 26.84 3.32 -26.93
CA TRP A 13 26.28 4.16 -25.89
C TRP A 13 26.00 3.34 -24.64
N ARG A 14 25.89 4.05 -23.53
CA ARG A 14 25.63 3.46 -22.23
C ARG A 14 24.34 4.01 -21.62
N LEU A 15 23.67 3.15 -20.87
CA LEU A 15 22.39 3.42 -20.24
C LEU A 15 22.58 3.56 -18.74
N GLY A 16 22.15 4.69 -18.19
CA GLY A 16 22.16 4.92 -16.76
C GLY A 16 20.74 4.96 -16.21
N VAL A 17 20.50 4.17 -15.18
CA VAL A 17 19.20 4.02 -14.55
C VAL A 17 19.33 4.42 -13.08
N ASP A 18 18.68 5.51 -12.70
CA ASP A 18 18.67 6.00 -11.32
C ASP A 18 17.23 5.99 -10.82
N VAL A 19 16.90 5.05 -9.94
CA VAL A 19 15.52 4.91 -9.50
C VAL A 19 15.27 5.81 -8.29
N GLY A 20 14.00 6.14 -8.08
CA GLY A 20 13.56 6.87 -6.90
C GLY A 20 12.15 6.46 -6.57
N GLU A 21 11.68 6.97 -5.43
CA GLU A 21 10.33 6.63 -4.96
C GLU A 21 9.24 7.21 -5.84
N ARG A 22 9.44 8.45 -6.32
CA ARG A 22 8.47 9.10 -7.19
C ARG A 22 9.06 9.46 -8.54
N SER A 23 10.22 8.90 -8.90
CA SER A 23 10.93 9.37 -10.07
C SER A 23 11.86 8.27 -10.57
N ILE A 24 12.33 8.46 -11.79
CA ILE A 24 13.42 7.65 -12.34
C ILE A 24 14.17 8.49 -13.37
N GLY A 25 15.49 8.54 -13.25
CA GLY A 25 16.32 9.27 -14.18
C GLY A 25 16.99 8.28 -15.12
N LEU A 26 16.79 8.51 -16.42
CA LEU A 26 17.34 7.62 -17.42
C LEU A 26 18.19 8.41 -18.40
N ALA A 27 19.38 7.90 -18.66
CA ALA A 27 20.32 8.53 -19.59
C ALA A 27 20.79 7.52 -20.62
N ALA A 28 20.81 7.98 -21.86
CA ALA A 28 21.49 7.34 -22.98
C ALA A 28 22.63 8.28 -23.35
N VAL A 29 23.87 7.83 -23.11
CA VAL A 29 25.07 8.65 -23.31
C VAL A 29 25.95 7.93 -24.33
N SER A 30 26.13 8.52 -25.51
CA SER A 30 27.05 7.94 -26.48
C SER A 30 28.49 8.14 -26.06
N TYR A 31 29.34 7.16 -26.34
CA TYR A 31 30.68 7.16 -25.77
C TYR A 31 31.74 7.06 -26.85
N GLU A 32 32.99 7.16 -26.39
CA GLU A 32 34.21 6.91 -27.15
C GLU A 32 34.91 5.75 -26.46
N GLU A 33 36.21 5.56 -26.76
CA GLU A 33 36.97 4.43 -26.21
C GLU A 33 36.90 4.33 -24.68
N ASP A 34 36.95 5.47 -23.97
CA ASP A 34 36.52 5.50 -22.59
C ASP A 34 35.82 6.79 -22.18
N LYS A 35 35.61 7.74 -23.09
CA LYS A 35 35.12 9.04 -22.68
C LYS A 35 33.74 9.32 -23.28
N PRO A 36 32.90 10.09 -22.58
CA PRO A 36 31.59 10.44 -23.13
C PRO A 36 31.72 11.34 -24.35
N LYS A 37 30.77 11.20 -25.27
CA LYS A 37 30.77 11.98 -26.50
C LYS A 37 29.55 12.87 -26.63
N GLU A 38 28.36 12.35 -26.33
CA GLU A 38 27.15 13.14 -26.45
C GLU A 38 26.09 12.57 -25.51
N ILE A 39 25.37 13.45 -24.85
CA ILE A 39 24.15 13.04 -24.15
C ILE A 39 23.09 12.81 -25.22
N LEU A 40 22.84 11.53 -25.55
CA LEU A 40 21.83 11.20 -26.53
C LEU A 40 20.44 11.53 -26.00
N ALA A 41 20.14 11.16 -24.75
CA ALA A 41 18.89 11.54 -24.11
C ALA A 41 19.03 11.46 -22.60
N ALA A 42 18.67 12.52 -21.90
CA ALA A 42 18.60 12.46 -20.44
C ALA A 42 17.26 13.02 -19.97
N VAL A 43 16.58 12.24 -19.14
CA VAL A 43 15.22 12.61 -18.76
C VAL A 43 14.91 12.06 -17.38
N SER A 44 14.27 12.90 -16.57
CA SER A 44 13.72 12.51 -15.28
C SER A 44 12.23 12.31 -15.48
N TRP A 45 11.75 11.12 -15.15
CA TRP A 45 10.35 10.77 -15.32
C TRP A 45 9.72 10.73 -13.93
N ILE A 46 8.71 11.57 -13.72
CA ILE A 46 8.08 11.76 -12.43
C ILE A 46 6.78 10.96 -12.44
N HIS A 47 6.77 9.87 -11.68
CA HIS A 47 5.58 9.05 -11.54
C HIS A 47 5.01 9.21 -10.14
N ASP A 48 3.80 8.70 -9.95
CA ASP A 48 3.11 8.84 -8.68
C ASP A 48 3.46 7.72 -7.70
N GLY A 49 4.28 6.76 -8.11
CA GLY A 49 4.51 5.59 -7.29
C GLY A 49 3.31 4.68 -7.19
N GLY A 50 2.38 4.76 -8.14
CA GLY A 50 1.15 4.02 -8.08
C GLY A 50 0.10 4.62 -7.17
N VAL A 51 0.35 5.78 -6.57
CA VAL A 51 -0.52 6.33 -5.55
C VAL A 51 -1.73 6.97 -6.20
N GLY A 52 -2.93 6.55 -5.79
CA GLY A 52 -4.16 7.21 -6.17
C GLY A 52 -4.88 7.82 -4.99
N ASP A 53 -4.27 7.69 -3.81
CA ASP A 53 -4.78 8.27 -2.57
C ASP A 53 -3.64 9.12 -2.03
N GLU A 54 -3.59 10.39 -2.46
CA GLU A 54 -2.47 11.25 -2.14
C GLU A 54 -2.41 11.61 -0.66
N ARG A 55 -3.57 11.71 -0.01
CA ARG A 55 -3.60 11.99 1.42
C ARG A 55 -3.11 10.79 2.23
N SER A 56 -3.46 9.58 1.80
CA SER A 56 -3.15 8.37 2.55
C SER A 56 -1.89 7.65 2.06
N GLY A 57 -1.50 7.83 0.81
CA GLY A 57 -0.39 7.11 0.25
C GLY A 57 -0.70 5.70 -0.22
N ALA A 58 -1.94 5.25 -0.08
CA ALA A 58 -2.32 3.92 -0.54
C ALA A 58 -2.41 3.93 -2.06
N SER A 59 -1.94 2.85 -2.67
CA SER A 59 -1.84 2.82 -4.12
C SER A 59 -3.21 2.59 -4.77
N ARG A 60 -3.23 2.79 -6.08
CA ARG A 60 -4.43 2.52 -6.87
C ARG A 60 -4.79 1.04 -6.82
N LEU A 61 -3.77 0.18 -6.86
CA LEU A 61 -3.97 -1.26 -6.79
C LEU A 61 -4.51 -1.66 -5.42
N ALA A 62 -4.03 -1.01 -4.36
CA ALA A 62 -4.52 -1.29 -3.01
C ALA A 62 -5.97 -0.86 -2.84
N LEU A 63 -6.32 0.33 -3.35
CA LEU A 63 -7.70 0.79 -3.28
C LEU A 63 -8.63 -0.09 -4.08
N ARG A 64 -8.19 -0.53 -5.28
CA ARG A 64 -8.99 -1.45 -6.09
C ARG A 64 -9.18 -2.79 -5.39
N GLY A 65 -8.12 -3.29 -4.74
CA GLY A 65 -8.23 -4.55 -4.02
C GLY A 65 -9.16 -4.48 -2.84
N MET A 66 -9.10 -3.39 -2.08
CA MET A 66 -10.02 -3.24 -0.93
C MET A 66 -11.46 -3.08 -1.40
N ALA A 67 -11.68 -2.34 -2.49
CA ALA A 67 -13.04 -2.20 -3.03
C ALA A 67 -13.57 -3.54 -3.56
N ARG A 68 -12.73 -4.30 -4.26
CA ARG A 68 -13.13 -5.61 -4.77
C ARG A 68 -13.42 -6.58 -3.64
N ARG A 69 -12.64 -6.54 -2.56
CA ARG A 69 -12.89 -7.42 -1.44
C ARG A 69 -14.14 -7.03 -0.66
N ALA A 70 -14.43 -5.73 -0.58
CA ALA A 70 -15.70 -5.30 0.01
C ALA A 70 -16.89 -5.76 -0.83
N ARG A 71 -16.75 -5.71 -2.16
CA ARG A 71 -17.80 -6.23 -3.05
C ARG A 71 -18.00 -7.72 -2.85
N ARG A 72 -16.89 -8.47 -2.75
CA ARG A 72 -16.98 -9.91 -2.55
C ARG A 72 -17.59 -10.25 -1.21
N LEU A 73 -17.25 -9.49 -0.16
CA LEU A 73 -17.85 -9.68 1.15
C LEU A 73 -19.36 -9.44 1.11
N ARG A 74 -19.79 -8.38 0.41
CA ARG A 74 -21.22 -8.11 0.33
C ARG A 74 -21.96 -9.16 -0.48
N ARG A 75 -21.35 -9.68 -1.54
CA ARG A 75 -21.97 -10.72 -2.35
C ARG A 75 -22.09 -12.04 -1.57
N PHE A 76 -21.03 -12.42 -0.84
CA PHE A 76 -21.07 -13.63 -0.04
C PHE A 76 -22.04 -13.50 1.13
N ARG A 77 -22.12 -12.30 1.71
CA ARG A 77 -23.08 -12.04 2.77
C ARG A 77 -24.51 -12.15 2.27
N ARG A 78 -24.78 -11.63 1.07
CA ARG A 78 -26.11 -11.73 0.49
C ARG A 78 -26.50 -13.18 0.20
N ALA A 79 -25.56 -13.97 -0.33
CA ALA A 79 -25.85 -15.39 -0.58
C ALA A 79 -26.07 -16.16 0.73
N ARG A 80 -25.27 -15.86 1.75
CA ARG A 80 -25.41 -16.52 3.05
C ARG A 80 -26.74 -16.16 3.72
N LEU A 81 -27.15 -14.90 3.63
CA LEU A 81 -28.43 -14.49 4.20
C LEU A 81 -29.61 -15.08 3.43
N ARG A 82 -29.47 -15.26 2.11
CA ARG A 82 -30.52 -15.93 1.34
C ARG A 82 -30.64 -17.41 1.74
N ASP A 83 -29.50 -18.07 1.96
CA ASP A 83 -29.54 -19.46 2.44
C ASP A 83 -30.16 -19.55 3.83
N LEU A 84 -29.88 -18.56 4.68
CA LEU A 84 -30.53 -18.48 5.99
C LEU A 84 -32.05 -18.30 5.85
N ASP A 85 -32.47 -17.44 4.93
CA ASP A 85 -33.90 -17.20 4.73
C ASP A 85 -34.60 -18.45 4.22
N MET A 86 -33.92 -19.23 3.36
CA MET A 86 -34.47 -20.51 2.93
C MET A 86 -34.58 -21.50 4.09
N LEU A 87 -33.57 -21.52 4.98
CA LEU A 87 -33.64 -22.39 6.16
C LEU A 87 -34.77 -21.98 7.10
N LEU A 88 -34.95 -20.67 7.32
CA LEU A 88 -36.02 -20.19 8.18
C LEU A 88 -37.40 -20.45 7.57
N SER A 89 -37.50 -20.39 6.25
CA SER A 89 -38.74 -20.76 5.58
C SER A 89 -39.02 -22.26 5.71
N GLU A 90 -37.96 -23.08 5.70
CA GLU A 90 -38.14 -24.51 5.95
C GLU A 90 -38.60 -24.77 7.38
N LEU A 91 -38.02 -24.04 8.34
CA LEU A 91 -38.35 -24.24 9.74
C LEU A 91 -39.65 -23.57 10.16
N GLY A 92 -40.23 -22.74 9.31
CA GLY A 92 -41.42 -21.99 9.70
C GLY A 92 -41.13 -20.83 10.61
N TRP A 93 -39.91 -20.30 10.59
CA TRP A 93 -39.52 -19.18 11.44
C TRP A 93 -39.56 -17.91 10.61
N THR A 94 -40.18 -16.87 11.14
CA THR A 94 -40.42 -15.66 10.37
C THR A 94 -39.20 -14.75 10.44
N PRO A 95 -38.55 -14.44 9.32
CA PRO A 95 -37.42 -13.51 9.35
C PRO A 95 -37.86 -12.10 9.70
N LEU A 96 -36.92 -11.34 10.22
CA LEU A 96 -37.20 -9.96 10.63
C LEU A 96 -37.56 -9.12 9.41
N PRO A 97 -38.70 -8.43 9.44
CA PRO A 97 -39.16 -7.71 8.25
C PRO A 97 -38.32 -6.47 7.97
N ASP A 98 -38.44 -5.98 6.74
CA ASP A 98 -37.64 -4.83 6.31
C ASP A 98 -38.11 -3.55 6.98
N LYS A 99 -39.40 -3.41 7.22
CA LYS A 99 -39.94 -2.17 7.77
C LYS A 99 -41.15 -2.50 8.63
N ASN A 100 -41.72 -1.45 9.24
CA ASN A 100 -42.95 -1.49 10.03
C ASN A 100 -42.85 -2.43 11.23
N VAL A 101 -41.65 -2.50 11.83
CA VAL A 101 -41.43 -3.20 13.08
C VAL A 101 -40.67 -2.27 14.00
N SER A 102 -40.71 -2.60 15.29
CA SER A 102 -40.01 -1.81 16.29
C SER A 102 -38.50 -1.94 16.10
N PRO A 103 -37.75 -0.89 16.44
CA PRO A 103 -36.28 -0.99 16.43
C PRO A 103 -35.72 -2.02 17.40
N VAL A 104 -36.46 -2.31 18.47
CA VAL A 104 -35.99 -3.21 19.51
C VAL A 104 -36.66 -4.58 19.42
N ASP A 105 -37.38 -4.86 18.33
CA ASP A 105 -38.09 -6.15 18.21
C ASP A 105 -37.13 -7.33 18.16
N ALA A 106 -36.04 -7.22 17.41
CA ALA A 106 -35.04 -8.29 17.36
C ALA A 106 -34.32 -8.45 18.69
N TRP A 107 -33.99 -7.32 19.33
CA TRP A 107 -33.26 -7.37 20.59
C TRP A 107 -34.13 -7.93 21.71
N LEU A 108 -35.39 -7.51 21.77
CA LEU A 108 -36.32 -8.06 22.75
C LEU A 108 -36.68 -9.50 22.43
N ALA A 109 -36.64 -9.90 21.16
CA ALA A 109 -36.80 -11.30 20.81
C ALA A 109 -35.67 -12.14 21.37
N ARG A 110 -34.42 -11.68 21.17
CA ARG A 110 -33.26 -12.39 21.71
C ARG A 110 -33.30 -12.43 23.23
N LYS A 111 -33.67 -11.31 23.86
CA LYS A 111 -33.76 -11.22 25.31
C LYS A 111 -34.81 -12.17 25.87
N ARG A 112 -36.01 -12.19 25.27
CA ARG A 112 -37.09 -13.03 25.78
C ARG A 112 -36.79 -14.51 25.57
N LEU A 113 -36.22 -14.86 24.41
CA LEU A 113 -35.89 -16.25 24.15
C LEU A 113 -34.75 -16.72 25.03
N ALA A 114 -33.85 -15.82 25.44
CA ALA A 114 -32.83 -16.19 26.41
C ALA A 114 -33.39 -16.28 27.83
N GLU A 115 -34.46 -15.54 28.12
CA GLU A 115 -34.94 -15.46 29.50
C GLU A 115 -35.98 -16.54 29.83
N GLU A 116 -37.11 -16.56 29.12
CA GLU A 116 -38.15 -17.53 29.45
C GLU A 116 -38.64 -18.27 28.21
N TYR A 117 -39.20 -19.46 28.47
CA TYR A 117 -39.76 -20.30 27.43
C TYR A 117 -41.07 -19.70 26.93
N VAL A 118 -41.13 -19.41 25.64
CA VAL A 118 -42.34 -18.86 25.04
C VAL A 118 -43.31 -20.01 24.76
N VAL A 119 -44.51 -19.92 25.34
CA VAL A 119 -45.47 -21.01 25.23
C VAL A 119 -46.20 -20.95 23.89
N ASP A 120 -46.52 -19.74 23.43
CA ASP A 120 -47.25 -19.57 22.17
C ASP A 120 -46.42 -20.04 20.99
N GLU A 121 -47.05 -20.81 20.10
CA GLU A 121 -46.33 -21.55 19.07
C GLU A 121 -45.90 -20.63 17.92
N THR A 122 -46.85 -19.91 17.33
CA THR A 122 -46.53 -18.98 16.25
C THR A 122 -45.69 -17.81 16.74
N GLU A 123 -45.93 -17.36 17.98
CA GLU A 123 -45.14 -16.28 18.54
C GLU A 123 -43.72 -16.72 18.83
N ARG A 124 -43.54 -17.96 19.30
CA ARG A 124 -42.20 -18.49 19.52
C ARG A 124 -41.45 -18.66 18.20
N ARG A 125 -42.12 -19.15 17.16
CA ARG A 125 -41.48 -19.25 15.85
C ARG A 125 -41.11 -17.88 15.29
N ARG A 126 -41.98 -16.88 15.48
CA ARG A 126 -41.69 -15.52 15.01
C ARG A 126 -40.51 -14.92 15.77
N LEU A 127 -40.45 -15.13 17.08
CA LEU A 127 -39.34 -14.61 17.87
C LEU A 127 -38.03 -15.32 17.53
N LEU A 128 -38.10 -16.62 17.26
CA LEU A 128 -36.91 -17.38 16.87
C LEU A 128 -36.40 -16.95 15.50
N GLY A 129 -37.31 -16.69 14.56
CA GLY A 129 -36.89 -16.21 13.26
C GLY A 129 -36.29 -14.81 13.32
N TYR A 130 -36.90 -13.93 14.13
CA TYR A 130 -36.38 -12.58 14.33
C TYR A 130 -34.97 -12.63 14.92
N ALA A 131 -34.80 -13.45 15.97
CA ALA A 131 -33.52 -13.57 16.65
C ALA A 131 -32.46 -14.17 15.75
N VAL A 132 -32.79 -15.24 15.02
CA VAL A 132 -31.78 -15.93 14.22
C VAL A 132 -31.36 -15.08 13.02
N SER A 133 -32.33 -14.40 12.38
CA SER A 133 -31.99 -13.50 11.28
C SER A 133 -31.15 -12.33 11.76
N HIS A 134 -31.45 -11.81 12.95
CA HIS A 134 -30.66 -10.71 13.48
C HIS A 134 -29.26 -11.15 13.89
N MET A 135 -29.12 -12.37 14.39
CA MET A 135 -27.80 -12.90 14.71
C MET A 135 -26.98 -13.15 13.46
N ALA A 136 -27.63 -13.52 12.36
CA ALA A 136 -26.88 -13.66 11.12
C ALA A 136 -26.44 -12.32 10.58
N ARG A 137 -27.27 -11.27 10.76
CA ARG A 137 -26.84 -9.95 10.35
C ARG A 137 -25.73 -9.40 11.25
N HIS A 138 -25.72 -9.77 12.54
CA HIS A 138 -24.73 -9.27 13.50
C HIS A 138 -24.17 -10.45 14.28
N ARG A 139 -23.14 -11.11 13.75
CA ARG A 139 -22.67 -12.36 14.31
C ARG A 139 -21.36 -12.26 15.07
N GLY A 140 -20.65 -11.16 14.97
CA GLY A 140 -19.36 -11.05 15.60
C GLY A 140 -18.26 -11.67 14.78
N TRP A 141 -17.04 -11.54 15.29
CA TRP A 141 -15.84 -11.91 14.54
C TRP A 141 -15.31 -13.25 15.02
N ARG A 142 -14.79 -14.04 14.08
CA ARG A 142 -14.01 -15.22 14.40
C ARG A 142 -12.84 -15.30 13.45
N ASN A 143 -11.84 -16.08 13.83
CA ASN A 143 -10.70 -16.40 12.98
C ASN A 143 -11.19 -17.07 11.70
N PRO A 144 -10.97 -16.48 10.52
CA PRO A 144 -11.54 -17.06 9.29
C PRO A 144 -10.92 -18.38 8.90
N TRP A 145 -9.70 -18.67 9.38
CA TRP A 145 -9.05 -19.94 9.12
C TRP A 145 -9.59 -21.05 10.02
N THR A 146 -10.36 -20.72 11.05
CA THR A 146 -10.98 -21.71 11.91
C THR A 146 -12.38 -22.04 11.41
N THR A 147 -12.76 -23.30 11.50
CA THR A 147 -14.06 -23.74 11.03
C THR A 147 -15.14 -23.48 12.09
N ILE A 148 -16.38 -23.82 11.72
CA ILE A 148 -17.50 -23.67 12.63
C ILE A 148 -17.38 -24.66 13.78
N LYS A 149 -16.79 -25.83 13.51
CA LYS A 149 -16.52 -26.79 14.57
C LYS A 149 -15.47 -26.27 15.54
N ASP A 150 -14.46 -25.54 15.04
CA ASP A 150 -13.51 -24.87 15.92
C ASP A 150 -14.19 -23.78 16.74
N LEU A 151 -15.17 -23.09 16.15
CA LEU A 151 -15.95 -22.10 16.86
C LEU A 151 -16.77 -22.75 17.97
N LYS A 152 -17.32 -23.93 17.71
CA LYS A 152 -18.04 -24.68 18.73
C LYS A 152 -17.08 -25.17 19.81
N ASN A 153 -15.83 -25.42 19.45
CA ASN A 153 -14.82 -25.86 20.41
C ASN A 153 -14.29 -24.70 21.26
N LEU A 154 -14.56 -23.45 20.88
CA LEU A 154 -14.08 -22.32 21.67
C LEU A 154 -14.85 -22.23 22.99
N PRO A 155 -14.22 -21.72 24.05
CA PRO A 155 -14.95 -21.54 25.32
C PRO A 155 -16.01 -20.46 25.22
N GLN A 156 -17.24 -20.83 25.58
CA GLN A 156 -18.42 -20.00 25.38
C GLN A 156 -18.98 -19.56 26.73
N PRO A 157 -19.14 -18.26 26.99
CA PRO A 157 -18.78 -17.11 26.15
C PRO A 157 -17.30 -16.80 26.21
N SER A 158 -16.82 -15.88 25.39
CA SER A 158 -15.43 -15.49 25.43
C SER A 158 -15.12 -14.71 26.70
N ASP A 159 -13.82 -14.62 27.01
CA ASP A 159 -13.38 -13.83 28.16
C ASP A 159 -13.65 -12.34 27.94
N SER A 160 -13.64 -11.90 26.68
CA SER A 160 -14.00 -10.51 26.37
C SER A 160 -15.43 -10.22 26.76
N TRP A 161 -16.35 -11.14 26.45
CA TRP A 161 -17.73 -10.92 26.83
C TRP A 161 -17.94 -11.10 28.32
N GLU A 162 -17.17 -11.97 28.97
CA GLU A 162 -17.28 -12.10 30.43
C GLU A 162 -16.81 -10.83 31.14
N ARG A 163 -15.72 -10.23 30.67
CA ARG A 163 -15.26 -8.96 31.23
C ARG A 163 -16.22 -7.83 30.93
N THR A 164 -16.80 -7.82 29.71
CA THR A 164 -17.79 -6.82 29.35
C THR A 164 -19.05 -6.94 30.20
N ARG A 165 -19.49 -8.19 30.46
CA ARG A 165 -20.66 -8.42 31.27
C ARG A 165 -20.41 -8.04 32.73
N GLU A 166 -19.20 -8.29 33.23
CA GLU A 166 -18.84 -7.84 34.58
C GLU A 166 -18.85 -6.31 34.67
N SER A 167 -18.32 -5.65 33.65
CA SER A 167 -18.35 -4.18 33.60
C SER A 167 -19.78 -3.66 33.52
N LEU A 168 -20.65 -4.35 32.78
CA LEU A 168 -22.03 -3.92 32.64
C LEU A 168 -22.82 -4.11 33.93
N GLU A 169 -22.57 -5.22 34.65
CA GLU A 169 -23.21 -5.42 35.94
C GLU A 169 -22.72 -4.42 36.98
N ALA A 170 -21.45 -4.01 36.88
CA ALA A 170 -20.95 -2.97 37.78
C ALA A 170 -21.53 -1.60 37.41
N ARG A 171 -21.68 -1.33 36.11
CA ARG A 171 -22.11 -0.03 35.65
C ARG A 171 -23.60 0.20 35.84
N TYR A 172 -24.41 -0.86 35.76
CA TYR A 172 -25.86 -0.71 35.85
C TYR A 172 -26.47 -1.39 37.06
N SER A 173 -25.66 -1.98 37.95
CA SER A 173 -26.04 -2.51 39.26
C SER A 173 -27.07 -3.64 39.19
N VAL A 174 -27.26 -4.25 38.03
CA VAL A 174 -28.16 -5.38 37.86
C VAL A 174 -27.39 -6.55 37.28
N SER A 175 -27.94 -7.75 37.45
CA SER A 175 -27.33 -8.96 36.92
C SER A 175 -28.37 -9.74 36.15
N LEU A 176 -28.24 -9.75 34.82
CA LEU A 176 -29.10 -10.52 33.95
C LEU A 176 -28.54 -11.92 33.80
N GLU A 177 -29.43 -12.91 33.78
CA GLU A 177 -29.02 -14.30 33.73
C GLU A 177 -29.66 -15.00 32.54
N PRO A 178 -28.87 -15.67 31.68
CA PRO A 178 -27.42 -15.89 31.78
C PRO A 178 -26.59 -14.73 31.26
N GLY A 179 -27.20 -13.60 30.90
CA GLY A 179 -26.45 -12.43 30.52
C GLY A 179 -25.86 -12.51 29.14
N THR A 180 -26.71 -12.68 28.12
CA THR A 180 -26.21 -12.74 26.76
C THR A 180 -26.11 -11.33 26.17
N VAL A 181 -25.60 -11.27 24.93
CA VAL A 181 -25.42 -10.00 24.25
C VAL A 181 -26.76 -9.39 23.90
N GLY A 182 -27.69 -10.20 23.38
CA GLY A 182 -29.00 -9.71 23.03
C GLY A 182 -29.80 -9.30 24.25
N GLN A 183 -29.64 -10.05 25.35
CA GLN A 183 -30.32 -9.72 26.59
C GLN A 183 -29.85 -8.39 27.16
N TRP A 184 -28.53 -8.20 27.23
CA TRP A 184 -27.98 -6.95 27.74
C TRP A 184 -28.30 -5.78 26.80
N ALA A 185 -28.25 -6.02 25.49
CA ALA A 185 -28.55 -4.96 24.53
C ALA A 185 -30.02 -4.55 24.58
N GLY A 186 -30.93 -5.51 24.70
CA GLY A 186 -32.34 -5.18 24.84
C GLY A 186 -32.64 -4.45 26.15
N TYR A 187 -32.00 -4.89 27.24
CA TYR A 187 -32.18 -4.23 28.52
C TYR A 187 -31.67 -2.79 28.49
N LEU A 188 -30.51 -2.56 27.86
CA LEU A 188 -29.98 -1.21 27.85
C LEU A 188 -30.71 -0.31 26.86
N LEU A 189 -31.21 -0.88 25.77
CA LEU A 189 -31.95 -0.06 24.82
C LEU A 189 -33.34 0.30 25.35
N GLN A 190 -33.89 -0.53 26.25
CA GLN A 190 -35.14 -0.13 26.89
C GLN A 190 -34.93 0.73 28.12
N ARG A 191 -33.84 0.53 28.87
CA ARG A 191 -33.65 1.27 30.12
C ARG A 191 -33.11 2.67 29.85
N ALA A 192 -32.04 2.76 29.06
CA ALA A 192 -31.45 4.05 28.69
C ALA A 192 -31.60 4.18 27.18
N PRO A 193 -32.68 4.79 26.72
CA PRO A 193 -32.93 4.85 25.27
C PRO A 193 -31.92 5.73 24.57
N GLY A 194 -31.60 5.36 23.33
CA GLY A 194 -30.60 6.07 22.56
C GLY A 194 -29.17 5.70 22.89
N ILE A 195 -28.95 4.62 23.63
CA ILE A 195 -27.58 4.21 23.95
C ILE A 195 -26.97 3.56 22.71
N ARG A 196 -25.74 3.96 22.40
CA ARG A 196 -24.98 3.30 21.36
C ARG A 196 -24.44 1.98 21.89
N LEU A 197 -24.39 0.96 21.04
CA LEU A 197 -23.95 -0.35 21.51
C LEU A 197 -22.44 -0.49 21.42
N ASN A 198 -21.88 -0.28 20.24
CA ASN A 198 -20.45 -0.42 19.98
C ASN A 198 -19.80 0.95 19.84
N PRO A 199 -18.51 1.09 20.16
CA PRO A 199 -17.85 2.39 20.01
C PRO A 199 -17.72 2.80 18.54
N THR A 200 -17.75 4.11 18.32
CA THR A 200 -17.62 4.69 17.00
C THR A 200 -16.67 5.87 17.09
N GLN A 201 -16.33 6.43 15.93
CA GLN A 201 -15.42 7.56 15.88
C GLN A 201 -16.06 8.81 16.47
N GLN A 202 -15.29 9.52 17.30
CA GLN A 202 -15.70 10.82 17.80
C GLN A 202 -15.47 11.88 16.73
N SER A 203 -16.21 12.98 16.84
CA SER A 203 -16.04 14.09 15.92
C SER A 203 -15.72 15.39 16.67
N LEU A 210 -24.53 16.46 23.61
CA LEU A 210 -23.37 16.57 22.75
C LEU A 210 -22.56 15.28 22.74
N SER A 211 -22.58 14.54 23.86
CA SER A 211 -21.78 13.34 24.00
C SER A 211 -22.50 12.34 24.88
N ASN A 212 -22.07 11.09 24.81
CA ASN A 212 -22.63 9.98 25.59
C ASN A 212 -21.60 8.86 25.63
N ALA A 213 -21.99 7.74 26.24
CA ALA A 213 -21.16 6.54 26.33
C ALA A 213 -21.80 5.40 25.54
N THR A 214 -21.08 4.28 25.48
CA THR A 214 -21.52 3.11 24.72
C THR A 214 -21.75 1.92 25.63
N ALA A 215 -22.62 1.01 25.18
CA ALA A 215 -22.98 -0.15 25.96
C ALA A 215 -21.85 -1.17 26.03
N PHE A 216 -21.20 -1.44 24.91
CA PHE A 216 -20.15 -2.44 24.84
C PHE A 216 -18.84 -1.76 24.44
N GLU A 217 -17.74 -2.33 24.91
CA GLU A 217 -16.42 -1.73 24.69
C GLU A 217 -15.48 -2.58 23.83
N THR A 218 -15.66 -3.89 23.78
CA THR A 218 -14.79 -4.76 23.02
C THR A 218 -15.48 -5.23 21.74
N ARG A 219 -14.70 -5.82 20.85
CA ARG A 219 -15.25 -6.38 19.63
C ARG A 219 -16.04 -7.64 19.97
N LEU A 220 -17.27 -7.73 19.44
CA LEU A 220 -18.10 -8.91 19.63
C LEU A 220 -17.48 -10.10 18.90
N ARG A 221 -17.43 -11.23 19.56
CA ARG A 221 -16.89 -12.45 18.98
C ARG A 221 -18.01 -13.41 18.61
N GLN A 222 -17.71 -14.30 17.67
CA GLN A 222 -18.73 -15.24 17.20
C GLN A 222 -19.08 -16.29 18.24
N GLU A 223 -18.19 -16.57 19.19
CA GLU A 223 -18.52 -17.51 20.26
C GLU A 223 -19.54 -16.93 21.23
N ASP A 224 -19.59 -15.60 21.35
CA ASP A 224 -20.60 -14.96 22.20
C ASP A 224 -21.99 -15.13 21.60
N VAL A 225 -22.14 -14.84 20.30
CA VAL A 225 -23.42 -15.01 19.62
C VAL A 225 -23.78 -16.49 19.53
N LEU A 226 -22.79 -17.36 19.35
CA LEU A 226 -23.02 -18.80 19.34
C LEU A 226 -23.53 -19.27 20.70
N TRP A 227 -22.94 -18.78 21.79
CA TRP A 227 -23.36 -19.13 23.14
C TRP A 227 -24.76 -18.61 23.44
N GLU A 228 -25.09 -17.43 22.95
CA GLU A 228 -26.44 -16.91 23.09
C GLU A 228 -27.45 -17.77 22.32
N LEU A 229 -27.06 -18.24 21.13
CA LEU A 229 -27.89 -19.15 20.35
C LEU A 229 -28.10 -20.47 21.06
N ARG A 230 -27.06 -21.01 21.68
CA ARG A 230 -27.19 -22.25 22.44
C ARG A 230 -28.05 -22.06 23.68
N CYS A 231 -27.94 -20.89 24.33
CA CYS A 231 -28.78 -20.60 25.49
C CYS A 231 -30.25 -20.47 25.09
N ILE A 232 -30.52 -19.86 23.93
CA ILE A 232 -31.88 -19.73 23.44
C ILE A 232 -32.45 -21.11 23.07
N ALA A 233 -31.63 -21.95 22.43
CA ALA A 233 -32.08 -23.30 22.09
C ALA A 233 -32.25 -24.17 23.33
N ASP A 234 -31.50 -23.88 24.41
CA ASP A 234 -31.66 -24.63 25.64
C ASP A 234 -32.93 -24.21 26.38
N VAL A 235 -33.24 -22.91 26.37
CA VAL A 235 -34.45 -22.43 27.03
C VAL A 235 -35.69 -22.91 26.27
N GLN A 236 -35.68 -22.74 24.94
CA GLN A 236 -36.84 -23.07 24.13
C GLN A 236 -36.95 -24.56 23.79
N GLY A 237 -35.91 -25.35 24.06
CA GLY A 237 -35.94 -26.77 23.79
C GLY A 237 -35.98 -27.14 22.33
N LEU A 238 -35.20 -26.45 21.50
CA LEU A 238 -35.14 -26.77 20.08
C LEU A 238 -34.37 -28.06 19.86
N PRO A 239 -34.65 -28.79 18.77
CA PRO A 239 -33.87 -29.99 18.46
C PRO A 239 -32.43 -29.66 18.09
N GLU A 240 -31.57 -30.66 18.32
CA GLU A 240 -30.14 -30.46 18.14
C GLU A 240 -29.76 -30.36 16.66
N ASP A 241 -30.43 -31.14 15.81
CA ASP A 241 -30.17 -31.04 14.38
C ASP A 241 -30.66 -29.71 13.82
N VAL A 242 -31.78 -29.21 14.37
CA VAL A 242 -32.31 -27.90 13.97
C VAL A 242 -31.31 -26.80 14.33
N VAL A 243 -30.81 -26.82 15.57
CA VAL A 243 -29.90 -25.75 15.98
C VAL A 243 -28.53 -25.92 15.32
N SER A 244 -28.14 -27.14 14.94
CA SER A 244 -26.90 -27.33 14.21
C SER A 244 -27.01 -26.78 12.79
N ASN A 245 -28.16 -26.97 12.15
CA ASN A 245 -28.39 -26.36 10.84
C ASN A 245 -28.44 -24.84 10.94
N VAL A 246 -29.02 -24.32 12.01
CA VAL A 246 -29.08 -22.88 12.22
C VAL A 246 -27.68 -22.31 12.43
N ILE A 247 -26.84 -23.01 13.20
CA ILE A 247 -25.47 -22.56 13.43
C ILE A 247 -24.65 -22.61 12.15
N ASP A 248 -24.86 -23.65 11.33
CA ASP A 248 -24.18 -23.74 10.03
C ASP A 248 -24.60 -22.61 9.10
N ALA A 249 -25.89 -22.22 9.13
CA ALA A 249 -26.34 -21.16 8.25
C ALA A 249 -25.90 -19.78 8.74
N VAL A 250 -25.89 -19.58 10.06
CA VAL A 250 -25.57 -18.27 10.62
C VAL A 250 -24.07 -17.99 10.53
N PHE A 251 -23.26 -18.94 10.97
CA PHE A 251 -21.82 -18.73 11.07
C PHE A 251 -21.05 -19.29 9.89
N CYS A 252 -21.70 -19.47 8.75
CA CYS A 252 -21.02 -19.86 7.52
C CYS A 252 -20.02 -18.79 7.09
N GLN A 253 -18.81 -19.22 6.75
CA GLN A 253 -17.75 -18.29 6.41
C GLN A 253 -16.84 -18.94 5.39
N LYS A 254 -16.61 -18.26 4.27
CA LYS A 254 -15.72 -18.78 3.24
C LYS A 254 -14.29 -18.76 3.76
N ARG A 255 -13.60 -19.90 3.60
CA ARG A 255 -12.24 -20.01 4.09
C ARG A 255 -11.29 -19.17 3.24
N PRO A 256 -10.31 -18.51 3.85
CA PRO A 256 -9.29 -17.80 3.07
C PRO A 256 -8.45 -18.76 2.22
N SER A 257 -8.05 -18.26 1.06
CA SER A 257 -7.37 -19.10 0.07
C SER A 257 -6.21 -18.32 -0.52
N VAL A 258 -5.22 -19.06 -0.99
CA VAL A 258 -4.05 -18.51 -1.67
C VAL A 258 -4.15 -18.90 -3.15
N PRO A 259 -4.23 -17.94 -4.07
CA PRO A 259 -4.15 -18.28 -5.50
C PRO A 259 -2.77 -18.85 -5.82
N ALA A 260 -2.75 -19.89 -6.67
CA ALA A 260 -1.50 -20.61 -6.92
C ALA A 260 -0.53 -19.77 -7.73
N GLU A 261 -1.04 -18.84 -8.53
CA GLU A 261 -0.16 -17.98 -9.31
C GLU A 261 0.51 -16.94 -8.43
N ARG A 262 0.02 -16.77 -7.20
CA ARG A 262 0.66 -15.88 -6.25
C ARG A 262 1.92 -16.50 -5.66
N ILE A 263 2.13 -17.80 -5.85
CA ILE A 263 3.31 -18.48 -5.34
C ILE A 263 4.36 -18.51 -6.43
N GLY A 264 5.60 -18.15 -6.08
CA GLY A 264 6.67 -18.14 -7.04
C GLY A 264 7.07 -19.53 -7.48
N ARG A 265 7.80 -19.58 -8.59
CA ARG A 265 8.24 -20.84 -9.17
C ARG A 265 9.67 -21.15 -8.74
N ASP A 266 9.98 -22.44 -8.71
CA ASP A 266 11.33 -22.91 -8.44
C ASP A 266 12.27 -22.48 -9.57
N PRO A 267 13.39 -21.82 -9.28
CA PRO A 267 14.32 -21.43 -10.36
C PRO A 267 14.98 -22.61 -11.05
N LEU A 268 15.28 -23.70 -10.34
CA LEU A 268 15.87 -24.86 -10.98
C LEU A 268 14.85 -25.68 -11.75
N ASP A 269 13.59 -25.67 -11.32
CA ASP A 269 12.50 -26.40 -11.96
C ASP A 269 11.37 -25.41 -12.20
N PRO A 270 11.37 -24.71 -13.34
CA PRO A 270 10.44 -23.58 -13.53
C PRO A 270 8.96 -23.95 -13.66
N SER A 271 8.62 -25.25 -13.73
CA SER A 271 7.22 -25.65 -13.77
C SER A 271 6.63 -25.83 -12.38
N GLN A 272 7.45 -26.00 -11.35
CA GLN A 272 6.98 -26.40 -10.03
C GLN A 272 6.85 -25.19 -9.10
N LEU A 273 5.86 -25.27 -8.21
CA LEU A 273 5.68 -24.28 -7.17
C LEU A 273 6.80 -24.38 -6.14
N ARG A 274 7.12 -23.24 -5.53
CA ARG A 274 8.09 -23.24 -4.43
C ARG A 274 7.53 -23.97 -3.23
N ALA A 275 8.39 -24.74 -2.56
CA ALA A 275 7.93 -25.56 -1.46
C ALA A 275 7.63 -24.70 -0.23
N SER A 276 6.73 -25.19 0.61
CA SER A 276 6.46 -24.55 1.87
C SER A 276 7.57 -24.83 2.87
N ARG A 277 7.64 -24.01 3.91
CA ARG A 277 8.59 -24.24 4.99
C ARG A 277 8.23 -25.48 5.80
N ALA A 278 6.97 -25.89 5.77
CA ALA A 278 6.52 -27.05 6.53
C ALA A 278 7.06 -28.36 5.98
N CYS A 279 7.50 -28.41 4.72
CA CYS A 279 7.90 -29.66 4.09
C CYS A 279 9.11 -30.29 4.78
N LEU A 280 9.02 -31.61 5.01
CA LEU A 280 10.10 -32.33 5.68
C LEU A 280 11.35 -32.39 4.81
N GLU A 281 11.16 -32.34 3.48
CA GLU A 281 12.29 -32.20 2.57
C GLU A 281 13.04 -30.90 2.81
N PHE A 282 12.31 -29.80 3.06
CA PHE A 282 12.99 -28.55 3.37
C PHE A 282 13.64 -28.59 4.74
N GLN A 283 13.01 -29.25 5.72
CA GLN A 283 13.62 -29.31 7.05
C GLN A 283 14.93 -30.10 7.01
N GLU A 284 14.93 -31.23 6.29
CA GLU A 284 16.16 -31.99 6.07
C GLU A 284 17.17 -31.19 5.27
N TYR A 285 16.71 -30.45 4.24
CA TYR A 285 17.61 -29.65 3.41
C TYR A 285 18.30 -28.57 4.23
N ARG A 286 17.56 -27.91 5.10
CA ARG A 286 18.11 -26.86 5.95
C ARG A 286 19.12 -27.44 6.94
N ILE A 287 18.82 -28.61 7.50
CA ILE A 287 19.75 -29.26 8.43
C ILE A 287 21.05 -29.65 7.71
N VAL A 288 20.92 -30.30 6.55
CA VAL A 288 22.09 -30.80 5.83
C VAL A 288 22.93 -29.66 5.27
N ALA A 289 22.28 -28.58 4.81
CA ALA A 289 23.02 -27.42 4.31
C ALA A 289 23.73 -26.68 5.42
N ALA A 290 23.11 -26.60 6.61
CA ALA A 290 23.76 -25.94 7.74
C ALA A 290 24.96 -26.75 8.21
N VAL A 291 24.84 -28.08 8.20
CA VAL A 291 25.95 -28.92 8.60
C VAL A 291 27.07 -28.84 7.56
N ALA A 292 26.70 -28.81 6.28
CA ALA A 292 27.67 -28.77 5.19
C ALA A 292 28.41 -27.43 5.11
N ASN A 293 27.88 -26.38 5.74
CA ASN A 293 28.59 -25.12 5.75
C ASN A 293 29.52 -24.95 6.96
N LEU A 294 29.52 -25.88 7.91
CA LEU A 294 30.39 -25.80 9.09
C LEU A 294 31.82 -26.16 8.75
N ARG A 295 32.77 -25.61 9.53
CA ARG A 295 34.18 -25.90 9.35
C ARG A 295 34.81 -26.34 10.66
N ILE A 296 35.94 -27.04 10.56
CA ILE A 296 36.64 -27.57 11.73
C ILE A 296 38.08 -27.06 11.67
N ARG A 297 38.58 -26.57 12.81
CA ARG A 297 39.93 -26.05 12.91
C ARG A 297 40.98 -27.14 12.66
N ASP A 298 41.97 -26.81 11.84
CA ASP A 298 43.09 -27.69 11.53
C ASP A 298 44.30 -26.82 11.18
N GLY A 299 45.14 -26.56 12.19
CA GLY A 299 46.42 -25.88 12.04
C GLY A 299 46.40 -24.54 11.35
N SER A 300 45.72 -23.55 11.95
CA SER A 300 45.47 -22.21 11.41
C SER A 300 44.63 -22.21 10.14
N GLY A 301 44.10 -23.37 9.72
CA GLY A 301 43.19 -23.43 8.59
C GLY A 301 41.91 -24.14 9.01
N SER A 302 40.99 -24.22 8.06
CA SER A 302 39.70 -24.84 8.32
C SER A 302 39.47 -25.93 7.28
N ARG A 303 38.78 -26.98 7.70
CA ARG A 303 38.42 -28.04 6.77
C ARG A 303 36.92 -28.26 6.81
N PRO A 304 36.32 -28.71 5.71
CA PRO A 304 34.94 -29.19 5.77
C PRO A 304 34.86 -30.45 6.62
N LEU A 305 33.67 -30.68 7.17
CA LEU A 305 33.44 -31.87 7.98
C LEU A 305 33.53 -33.12 7.12
N SER A 306 34.20 -34.14 7.64
CA SER A 306 34.29 -35.42 6.94
C SER A 306 32.92 -36.09 6.96
N LEU A 307 32.75 -37.09 6.09
CA LEU A 307 31.43 -37.65 5.81
C LEU A 307 30.80 -38.34 7.01
N GLU A 308 31.62 -38.96 7.88
CA GLU A 308 31.07 -39.57 9.07
C GLU A 308 30.66 -38.54 10.11
N GLU A 309 31.43 -37.44 10.23
CA GLU A 309 31.04 -36.35 11.11
C GLU A 309 29.79 -35.64 10.60
N ARG A 310 29.68 -35.49 9.27
CA ARG A 310 28.47 -34.98 8.64
C ARG A 310 27.27 -35.84 9.01
N ASN A 311 27.42 -37.16 8.90
CA ASN A 311 26.32 -38.07 9.21
C ASN A 311 25.95 -38.02 10.68
N ALA A 312 26.94 -37.93 11.57
CA ALA A 312 26.66 -37.91 13.01
C ALA A 312 25.93 -36.63 13.41
N VAL A 313 26.41 -35.48 12.92
CA VAL A 313 25.76 -34.21 13.28
C VAL A 313 24.38 -34.11 12.62
N ILE A 314 24.24 -34.63 11.39
CA ILE A 314 22.96 -34.54 10.68
C ILE A 314 21.92 -35.45 11.33
N GLU A 315 22.32 -36.66 11.76
CA GLU A 315 21.37 -37.52 12.45
C GLU A 315 21.04 -37.01 13.85
N ALA A 316 21.99 -36.34 14.51
CA ALA A 316 21.67 -35.73 15.80
C ALA A 316 20.71 -34.55 15.65
N LEU A 317 20.82 -33.79 14.56
CA LEU A 317 19.90 -32.68 14.35
C LEU A 317 18.55 -33.14 13.82
N LEU A 318 18.51 -34.21 13.04
CA LEU A 318 17.23 -34.76 12.58
C LEU A 318 16.48 -35.44 13.70
N ALA A 319 17.18 -36.25 14.50
CA ALA A 319 16.56 -36.95 15.63
C ALA A 319 16.55 -36.01 16.84
N GLN A 320 15.64 -35.04 16.78
CA GLN A 320 15.55 -34.02 17.80
C GLN A 320 14.09 -33.61 17.97
N THR A 321 13.71 -33.33 19.22
CA THR A 321 12.35 -32.93 19.55
C THR A 321 12.22 -31.42 19.77
N GLU A 322 13.29 -30.76 20.21
CA GLU A 322 13.21 -29.36 20.62
C GLU A 322 14.57 -28.71 20.39
N ARG A 323 14.67 -27.42 20.72
CA ARG A 323 15.93 -26.68 20.57
C ARG A 323 16.82 -27.05 21.76
N SER A 324 17.45 -28.20 21.67
CA SER A 324 18.29 -28.69 22.75
C SER A 324 19.77 -28.73 22.40
N LEU A 325 20.12 -28.54 21.13
CA LEU A 325 21.50 -28.66 20.66
C LEU A 325 21.99 -27.28 20.25
N THR A 326 22.86 -26.70 21.08
CA THR A 326 23.55 -25.49 20.67
C THR A 326 24.69 -25.86 19.73
N TRP A 327 25.30 -24.83 19.12
CA TRP A 327 26.50 -25.06 18.34
C TRP A 327 27.67 -25.46 19.23
N SER A 328 27.65 -25.03 20.49
CA SER A 328 28.59 -25.54 21.48
C SER A 328 28.37 -27.02 21.74
N ASP A 329 27.11 -27.46 21.80
CA ASP A 329 26.82 -28.87 22.00
C ASP A 329 27.22 -29.70 20.78
N ILE A 330 27.06 -29.14 19.59
CA ILE A 330 27.52 -29.80 18.37
C ILE A 330 29.04 -29.92 18.37
N ALA A 331 29.74 -28.86 18.81
CA ALA A 331 31.19 -28.90 18.89
C ALA A 331 31.69 -29.90 19.93
N LEU A 332 31.03 -29.99 21.08
CA LEU A 332 31.57 -30.77 22.19
C LEU A 332 31.05 -32.21 22.23
N GLU A 333 29.72 -32.38 22.29
CA GLU A 333 29.16 -33.70 22.53
C GLU A 333 28.96 -34.53 21.26
N ILE A 334 28.83 -33.90 20.11
CA ILE A 334 28.60 -34.62 18.86
C ILE A 334 29.88 -34.79 18.06
N LEU A 335 30.64 -33.71 17.88
CA LEU A 335 31.88 -33.77 17.12
C LEU A 335 33.05 -34.30 17.93
N LYS A 336 32.90 -34.41 19.26
CA LYS A 336 33.93 -34.89 20.19
C LYS A 336 35.22 -34.07 20.10
N LEU A 337 35.11 -32.77 19.82
CA LEU A 337 36.26 -31.90 19.73
C LEU A 337 36.80 -31.59 21.13
N PRO A 338 38.12 -31.37 21.26
CA PRO A 338 38.67 -31.01 22.58
C PRO A 338 38.22 -29.64 23.07
N ASN A 339 37.93 -28.71 22.17
CA ASN A 339 37.59 -27.34 22.54
C ASN A 339 36.32 -26.92 21.82
N GLU A 340 35.62 -25.96 22.43
CA GLU A 340 34.41 -25.41 21.82
C GLU A 340 34.73 -24.57 20.59
N SER A 341 35.87 -23.87 20.60
CA SER A 341 36.21 -22.95 19.53
C SER A 341 36.84 -23.64 18.31
N ASP A 342 37.04 -24.96 18.37
CA ASP A 342 37.56 -25.67 17.21
C ASP A 342 36.52 -25.74 16.09
N LEU A 343 35.23 -25.73 16.43
CA LEU A 343 34.18 -25.61 15.43
C LEU A 343 34.16 -24.19 14.90
N THR A 344 34.67 -24.00 13.70
CA THR A 344 34.64 -22.70 13.04
C THR A 344 33.47 -22.64 12.06
N SER A 345 33.29 -21.45 11.50
CA SER A 345 32.25 -21.15 10.50
C SER A 345 30.85 -21.46 11.01
N VAL A 346 30.61 -21.17 12.29
CA VAL A 346 29.27 -21.28 12.86
C VAL A 346 28.40 -20.15 12.29
N PRO A 347 27.19 -20.45 11.75
CA PRO A 347 26.39 -19.46 11.02
C PRO A 347 25.56 -18.52 11.89
N GLU A 348 26.19 -17.95 12.92
CA GLU A 348 25.55 -16.98 13.80
C GLU A 348 26.43 -15.76 13.96
N GLU A 349 25.81 -14.65 14.35
CA GLU A 349 26.57 -13.47 14.76
C GLU A 349 27.18 -13.72 16.14
N ASP A 350 28.44 -13.34 16.29
CA ASP A 350 29.17 -13.62 17.53
C ASP A 350 28.95 -12.51 18.54
N GLY A 351 29.09 -12.87 19.82
CA GLY A 351 28.93 -11.94 20.90
C GLY A 351 29.67 -12.40 22.14
N PRO A 352 29.45 -11.72 23.27
CA PRO A 352 30.15 -12.09 24.51
C PRO A 352 29.68 -13.42 25.07
N SER A 353 30.60 -14.08 25.80
CA SER A 353 30.41 -15.41 26.40
C SER A 353 30.03 -16.47 25.36
N SER A 354 30.61 -16.34 24.17
CA SER A 354 30.38 -17.21 23.01
C SER A 354 28.89 -17.34 22.68
N LEU A 355 28.31 -16.19 22.31
CA LEU A 355 26.87 -16.13 22.01
C LEU A 355 26.53 -16.97 20.80
N ALA A 356 27.39 -16.94 19.77
CA ALA A 356 27.13 -17.69 18.53
C ALA A 356 27.15 -19.18 18.79
N TYR A 357 28.03 -19.63 19.68
CA TYR A 357 28.06 -21.03 20.07
C TYR A 357 26.92 -21.37 21.03
N SER A 358 26.35 -20.37 21.70
CA SER A 358 25.18 -20.59 22.53
C SER A 358 23.88 -20.52 21.74
N GLN A 359 23.92 -20.11 20.48
CA GLN A 359 22.73 -20.19 19.64
C GLN A 359 22.46 -21.63 19.22
N PHE A 360 21.20 -21.90 18.89
CA PHE A 360 20.71 -23.25 18.70
C PHE A 360 20.77 -23.66 17.23
N ALA A 361 21.08 -24.94 16.99
CA ALA A 361 21.12 -25.53 15.67
C ALA A 361 19.72 -25.85 15.16
N PRO A 362 19.50 -25.88 13.84
CA PRO A 362 18.16 -26.22 13.30
C PRO A 362 17.81 -27.68 13.53
N PHE A 363 16.50 -27.97 13.39
CA PHE A 363 16.02 -29.31 13.71
C PHE A 363 14.86 -29.59 12.75
N ASP A 364 14.26 -30.77 12.87
CA ASP A 364 13.07 -31.08 12.07
C ASP A 364 11.85 -30.49 12.78
N GLU A 365 11.40 -29.33 12.29
CA GLU A 365 10.40 -28.56 13.02
C GLU A 365 9.00 -29.12 12.79
N THR A 366 8.68 -29.52 11.56
CA THR A 366 7.37 -30.08 11.28
C THR A 366 7.19 -31.43 11.98
N SER A 367 8.25 -32.25 11.99
CA SER A 367 8.17 -33.52 12.70
C SER A 367 8.02 -33.30 14.20
N ALA A 368 8.66 -32.26 14.74
CA ALA A 368 8.45 -31.95 16.16
C ALA A 368 7.01 -31.51 16.43
N ARG A 369 6.43 -30.69 15.56
CA ARG A 369 5.05 -30.24 15.74
C ARG A 369 4.07 -31.41 15.66
N ILE A 370 4.27 -32.30 14.69
CA ILE A 370 3.36 -33.44 14.52
C ILE A 370 3.52 -34.43 15.67
N ALA A 371 4.77 -34.66 16.12
CA ALA A 371 5.00 -35.56 17.25
C ALA A 371 4.42 -35.00 18.54
N GLU A 372 4.51 -33.66 18.72
CA GLU A 372 3.95 -33.06 19.93
C GLU A 372 2.43 -33.06 19.89
N PHE A 373 1.85 -32.86 18.70
CA PHE A 373 0.40 -32.95 18.52
C PHE A 373 -0.09 -34.37 18.79
N ILE A 374 0.69 -35.38 18.38
CA ILE A 374 0.35 -36.77 18.67
C ILE A 374 0.47 -37.04 20.16
N ALA A 375 1.52 -36.52 20.81
CA ALA A 375 1.71 -36.74 22.24
C ALA A 375 0.64 -36.06 23.09
N LYS A 376 0.05 -34.96 22.60
CA LYS A 376 -1.06 -34.34 23.30
C LYS A 376 -2.42 -34.91 22.90
N ASN A 377 -2.51 -35.61 21.78
CA ASN A 377 -3.80 -36.07 21.26
C ASN A 377 -3.73 -37.55 20.87
N ARG A 378 -3.23 -38.37 21.80
CA ARG A 378 -3.16 -39.82 21.55
C ARG A 378 -4.54 -40.43 21.41
N ARG A 379 -5.48 -40.04 22.28
CA ARG A 379 -6.83 -40.57 22.21
C ARG A 379 -7.64 -39.95 21.08
N LYS A 380 -7.34 -38.72 20.68
CA LYS A 380 -8.09 -38.07 19.61
C LYS A 380 -7.79 -38.70 18.26
N ILE A 381 -6.51 -38.94 17.96
CA ILE A 381 -6.07 -39.50 16.68
C ILE A 381 -5.12 -40.70 16.85
N PRO A 382 -5.57 -41.82 17.43
CA PRO A 382 -4.66 -42.97 17.59
C PRO A 382 -4.36 -43.69 16.29
N THR A 383 -5.33 -43.73 15.36
CA THR A 383 -5.08 -44.30 14.04
C THR A 383 -4.04 -43.50 13.29
N PHE A 384 -4.11 -42.16 13.36
CA PHE A 384 -3.09 -41.33 12.75
C PHE A 384 -1.75 -41.47 13.44
N ALA A 385 -1.74 -41.67 14.76
CA ALA A 385 -0.47 -41.86 15.47
C ALA A 385 0.22 -43.15 15.05
N GLN A 386 -0.55 -44.24 14.95
CA GLN A 386 -0.01 -45.51 14.46
C GLN A 386 0.43 -45.41 13.00
N TRP A 387 -0.35 -44.71 12.16
CA TRP A 387 0.00 -44.56 10.76
C TRP A 387 1.26 -43.70 10.58
N TRP A 388 1.40 -42.65 11.40
CA TRP A 388 2.57 -41.78 11.34
C TRP A 388 3.82 -42.52 11.79
N GLN A 389 3.70 -43.35 12.83
CA GLN A 389 4.82 -44.20 13.22
C GLN A 389 5.09 -45.27 12.17
N GLU A 390 4.08 -45.65 11.40
CA GLU A 390 4.24 -46.68 10.37
C GLU A 390 5.00 -46.17 9.16
N GLN A 391 4.68 -44.97 8.69
CA GLN A 391 5.07 -44.57 7.34
C GLN A 391 6.54 -44.16 7.27
N ASP A 392 7.08 -44.27 6.06
CA ASP A 392 8.40 -43.75 5.71
C ASP A 392 8.32 -42.26 5.43
N ARG A 393 9.49 -41.66 5.21
CA ARG A 393 9.56 -40.20 5.10
C ARG A 393 9.02 -39.70 3.77
N THR A 394 8.94 -40.55 2.74
CA THR A 394 8.36 -40.12 1.47
C THR A 394 6.86 -39.90 1.59
N SER A 395 6.15 -40.88 2.16
CA SER A 395 4.71 -40.73 2.35
C SER A 395 4.40 -39.73 3.46
N ARG A 396 5.27 -39.64 4.47
CA ARG A 396 5.16 -38.58 5.47
C ARG A 396 5.28 -37.20 4.83
N SER A 397 6.22 -37.05 3.90
CA SER A 397 6.44 -35.79 3.21
C SER A 397 5.27 -35.44 2.29
N ASP A 398 4.69 -36.45 1.63
CA ASP A 398 3.51 -36.20 0.81
C ASP A 398 2.31 -35.78 1.65
N LEU A 399 2.13 -36.42 2.82
CA LEU A 399 1.11 -36.01 3.78
C LEU A 399 1.31 -34.57 4.23
N VAL A 400 2.55 -34.23 4.59
CA VAL A 400 2.86 -32.89 5.08
C VAL A 400 2.68 -31.84 3.99
N ALA A 401 3.02 -32.19 2.74
CA ALA A 401 2.81 -31.31 1.60
C ALA A 401 1.33 -31.06 1.36
N ALA A 402 0.51 -32.10 1.49
CA ALA A 402 -0.93 -31.93 1.34
C ALA A 402 -1.52 -31.08 2.47
N LEU A 403 -1.04 -31.28 3.70
CA LEU A 403 -1.50 -30.47 4.83
C LEU A 403 -1.05 -29.01 4.71
N ALA A 404 0.09 -28.77 4.03
CA ALA A 404 0.59 -27.42 3.86
C ALA A 404 -0.07 -26.69 2.69
N ASP A 405 -0.45 -27.42 1.63
CA ASP A 405 -1.02 -26.81 0.45
C ASP A 405 -2.54 -26.88 0.41
N ASN A 406 -3.19 -27.23 1.54
CA ASN A 406 -4.64 -27.13 1.63
C ASN A 406 -5.13 -25.68 1.47
N SER A 407 -4.29 -24.70 1.85
CA SER A 407 -4.65 -23.29 1.77
C SER A 407 -4.64 -22.75 0.34
N ILE A 408 -4.08 -23.50 -0.61
CA ILE A 408 -4.04 -23.06 -2.00
C ILE A 408 -5.42 -23.22 -2.61
N ALA A 409 -5.90 -22.15 -3.27
CA ALA A 409 -7.20 -22.19 -3.95
C ALA A 409 -7.20 -23.19 -5.10
N GLY A 410 -6.15 -23.17 -5.92
CA GLY A 410 -6.05 -24.07 -7.06
C GLY A 410 -4.63 -24.40 -7.46
N LEU A 416 -6.69 -36.66 0.85
CA LEU A 416 -5.47 -36.51 1.62
C LEU A 416 -4.69 -37.82 1.43
N LEU A 417 -5.09 -38.54 0.36
CA LEU A 417 -4.53 -39.79 -0.17
C LEU A 417 -4.84 -41.01 0.69
N VAL A 418 -5.38 -40.82 1.90
CA VAL A 418 -5.73 -41.90 2.81
C VAL A 418 -7.17 -41.72 3.25
N HIS A 419 -7.90 -42.83 3.35
CA HIS A 419 -9.29 -42.83 3.82
C HIS A 419 -9.34 -42.63 5.34
N LEU A 420 -8.99 -41.43 5.77
CA LEU A 420 -9.03 -41.11 7.19
C LEU A 420 -10.44 -40.79 7.64
N PRO A 421 -10.74 -40.95 8.93
CA PRO A 421 -12.02 -40.47 9.45
C PRO A 421 -12.11 -38.94 9.36
N ASP A 422 -13.36 -38.45 9.26
CA ASP A 422 -13.57 -37.02 9.06
C ASP A 422 -13.12 -36.19 10.27
N ALA A 423 -13.27 -36.73 11.49
CA ALA A 423 -12.75 -36.05 12.67
C ALA A 423 -11.24 -35.95 12.64
N GLU A 424 -10.57 -37.01 12.16
CA GLU A 424 -9.12 -36.98 12.00
C GLU A 424 -8.71 -35.99 10.91
N LEU A 425 -9.50 -35.90 9.84
CA LEU A 425 -9.25 -34.91 8.80
C LEU A 425 -9.38 -33.49 9.34
N GLU A 426 -10.39 -33.24 10.18
CA GLU A 426 -10.57 -31.90 10.75
C GLU A 426 -9.46 -31.57 11.73
N ALA A 427 -8.99 -32.56 12.50
CA ALA A 427 -7.88 -32.33 13.41
C ALA A 427 -6.58 -32.09 12.66
N LEU A 428 -6.37 -32.81 11.54
CA LEU A 428 -5.15 -32.62 10.76
C LEU A 428 -5.15 -31.29 10.03
N GLU A 429 -6.30 -30.85 9.52
CA GLU A 429 -6.34 -29.53 8.90
C GLU A 429 -6.34 -28.41 9.94
N GLY A 430 -6.69 -28.71 11.19
CA GLY A 430 -6.48 -27.77 12.26
C GLY A 430 -5.08 -27.73 12.83
N LEU A 431 -4.20 -28.62 12.37
CA LEU A 431 -2.81 -28.61 12.81
C LEU A 431 -2.08 -27.40 12.23
N ALA A 432 -1.26 -26.78 13.07
CA ALA A 432 -0.53 -25.57 12.69
C ALA A 432 0.91 -25.93 12.35
N LEU A 433 1.34 -25.58 11.15
CA LEU A 433 2.62 -25.95 10.59
C LEU A 433 3.41 -24.69 10.26
N PRO A 434 4.74 -24.79 10.16
CA PRO A 434 5.55 -23.61 9.78
C PRO A 434 5.25 -23.17 8.35
N SER A 435 4.69 -21.97 8.22
CA SER A 435 4.29 -21.45 6.92
C SER A 435 5.46 -20.69 6.29
N GLY A 436 5.21 -20.15 5.11
CA GLY A 436 6.24 -19.49 4.34
C GLY A 436 6.77 -20.38 3.24
N ARG A 437 7.14 -19.76 2.13
CA ARG A 437 7.72 -20.49 1.02
C ARG A 437 9.25 -20.46 1.12
N VAL A 438 9.87 -21.46 0.52
CA VAL A 438 11.32 -21.53 0.43
C VAL A 438 11.69 -21.38 -1.04
N ALA A 439 12.99 -21.36 -1.34
CA ALA A 439 13.42 -21.00 -2.68
C ALA A 439 13.14 -22.11 -3.70
N TYR A 440 13.24 -23.36 -3.28
CA TYR A 440 13.15 -24.49 -4.19
C TYR A 440 11.84 -25.25 -4.00
N SER A 441 11.53 -26.09 -4.99
CA SER A 441 10.38 -26.98 -4.96
C SER A 441 10.71 -28.26 -4.19
N ARG A 442 9.67 -29.07 -3.97
CA ARG A 442 9.82 -30.30 -3.17
C ARG A 442 10.75 -31.32 -3.85
N LEU A 443 10.61 -31.47 -5.17
CA LEU A 443 11.45 -32.40 -5.92
C LEU A 443 12.91 -31.94 -5.94
N THR A 444 13.12 -30.64 -6.17
CA THR A 444 14.47 -30.07 -6.15
C THR A 444 15.11 -30.21 -4.77
N LEU A 445 14.33 -29.96 -3.70
CA LEU A 445 14.86 -30.06 -2.35
C LEU A 445 15.24 -31.50 -2.01
N SER A 446 14.42 -32.46 -2.41
CA SER A 446 14.73 -33.86 -2.16
C SER A 446 15.96 -34.31 -2.95
N GLY A 447 16.08 -33.86 -4.21
CA GLY A 447 17.26 -34.20 -5.00
C GLY A 447 18.54 -33.60 -4.45
N LEU A 448 18.50 -32.32 -4.07
CA LEU A 448 19.67 -31.65 -3.50
C LEU A 448 20.07 -32.27 -2.17
N THR A 449 19.07 -32.61 -1.34
CA THR A 449 19.35 -33.24 -0.05
C THR A 449 19.98 -34.62 -0.24
N ARG A 450 19.47 -35.39 -1.21
CA ARG A 450 20.01 -36.73 -1.46
C ARG A 450 21.44 -36.64 -1.97
N VAL A 451 21.73 -35.68 -2.86
CA VAL A 451 23.09 -35.52 -3.37
C VAL A 451 24.04 -35.07 -2.25
N MET A 452 23.59 -34.16 -1.37
CA MET A 452 24.47 -33.72 -0.28
C MET A 452 24.72 -34.82 0.74
N ARG A 453 23.72 -35.66 1.00
CA ARG A 453 23.90 -36.75 1.97
C ARG A 453 24.80 -37.84 1.41
N ASP A 454 24.60 -38.21 0.13
CA ASP A 454 25.34 -39.35 -0.39
C ASP A 454 26.74 -38.95 -0.83
N ASP A 455 26.88 -37.82 -1.53
CA ASP A 455 28.20 -37.40 -2.00
C ASP A 455 28.97 -36.60 -0.96
N GLY A 456 28.36 -36.17 0.14
CA GLY A 456 29.06 -35.36 1.11
C GLY A 456 29.48 -34.00 0.59
N VAL A 457 28.62 -33.36 -0.17
CA VAL A 457 28.91 -32.07 -0.79
C VAL A 457 27.97 -31.02 -0.22
N ASP A 458 28.22 -29.77 -0.59
CA ASP A 458 27.37 -28.67 -0.16
C ASP A 458 26.30 -28.40 -1.21
N VAL A 459 25.59 -27.27 -1.04
CA VAL A 459 24.44 -26.96 -1.90
C VAL A 459 24.86 -26.62 -3.31
N HIS A 460 25.98 -25.90 -3.46
CA HIS A 460 26.42 -25.47 -4.79
C HIS A 460 26.82 -26.66 -5.65
N ASN A 461 27.60 -27.59 -5.07
CA ASN A 461 27.99 -28.78 -5.78
C ASN A 461 26.81 -29.72 -5.98
N ALA A 462 25.85 -29.72 -5.04
CA ALA A 462 24.64 -30.52 -5.22
C ALA A 462 23.79 -29.98 -6.36
N ARG A 463 23.73 -28.66 -6.53
CA ARG A 463 23.02 -28.08 -7.66
C ARG A 463 23.71 -28.42 -8.97
N LYS A 464 25.05 -28.39 -8.97
CA LYS A 464 25.81 -28.77 -10.16
C LYS A 464 25.60 -30.24 -10.53
N THR A 465 25.47 -31.10 -9.51
CA THR A 465 25.33 -32.53 -9.77
C THR A 465 23.90 -32.85 -10.18
N CYS A 466 22.92 -32.39 -9.40
CA CYS A 466 21.53 -32.76 -9.59
C CYS A 466 20.90 -32.07 -10.79
N PHE A 467 21.50 -30.99 -11.32
CA PHE A 467 20.89 -30.34 -12.46
C PHE A 467 21.84 -30.10 -13.62
N GLY A 468 23.13 -30.42 -13.49
CA GLY A 468 24.04 -30.25 -14.61
C GLY A 468 24.42 -28.83 -14.89
N VAL A 469 24.14 -27.91 -13.96
CA VAL A 469 24.48 -26.51 -14.16
C VAL A 469 25.97 -26.31 -13.95
N ASP A 470 26.50 -25.21 -14.48
CA ASP A 470 27.91 -24.92 -14.34
C ASP A 470 28.16 -23.93 -13.21
N ASP A 471 29.41 -23.49 -13.06
CA ASP A 471 29.75 -22.55 -11.99
C ASP A 471 29.22 -21.16 -12.27
N ASN A 472 29.01 -20.81 -13.54
CA ASN A 472 28.47 -19.53 -13.94
C ASN A 472 26.94 -19.50 -13.92
N TRP A 473 26.30 -20.54 -13.40
CA TRP A 473 24.85 -20.63 -13.46
C TRP A 473 24.21 -19.63 -12.51
N ARG A 474 23.24 -18.90 -13.02
CA ARG A 474 22.45 -17.98 -12.22
C ARG A 474 20.98 -18.29 -12.47
N PRO A 475 20.11 -18.05 -11.48
CA PRO A 475 18.69 -18.38 -11.65
C PRO A 475 18.07 -17.55 -12.75
N PRO A 476 17.05 -18.08 -13.43
CA PRO A 476 16.40 -17.33 -14.52
C PRO A 476 15.76 -16.04 -14.02
N LEU A 477 15.86 -15.02 -14.82
CA LEU A 477 15.43 -13.69 -14.47
C LEU A 477 14.18 -13.31 -15.24
N PRO A 478 13.30 -12.50 -14.66
CA PRO A 478 12.11 -12.07 -15.39
C PRO A 478 12.45 -11.14 -16.54
N ALA A 479 11.59 -11.15 -17.56
CA ALA A 479 11.77 -10.30 -18.73
C ALA A 479 11.16 -8.92 -18.49
N LEU A 480 11.48 -7.99 -19.39
CA LEU A 480 11.06 -6.59 -19.24
C LEU A 480 9.55 -6.43 -19.35
N HIS A 481 8.87 -7.31 -20.08
CA HIS A 481 7.43 -7.22 -20.23
C HIS A 481 6.67 -7.80 -19.04
N GLU A 482 7.36 -8.44 -18.10
CA GLU A 482 6.74 -9.06 -16.95
C GLU A 482 6.71 -8.07 -15.78
N ALA A 483 5.52 -7.82 -15.24
CA ALA A 483 5.37 -6.96 -14.09
C ALA A 483 5.68 -7.72 -12.80
N THR A 484 5.81 -6.97 -11.71
CA THR A 484 6.07 -7.55 -10.40
C THR A 484 4.84 -7.63 -9.52
N GLY A 485 3.83 -6.79 -9.77
CA GLY A 485 2.73 -6.61 -8.85
C GLY A 485 2.94 -5.54 -7.81
N HIS A 486 4.14 -5.01 -7.70
CA HIS A 486 4.48 -3.87 -6.85
C HIS A 486 4.30 -2.58 -7.65
N PRO A 487 3.52 -1.62 -7.14
CA PRO A 487 3.17 -0.45 -7.98
C PRO A 487 4.33 0.48 -8.31
N VAL A 488 5.20 0.80 -7.34
CA VAL A 488 6.35 1.67 -7.60
C VAL A 488 7.31 1.00 -8.58
N VAL A 489 7.56 -0.29 -8.39
CA VAL A 489 8.44 -1.06 -9.27
C VAL A 489 7.85 -1.12 -10.68
N ASP A 490 6.53 -1.26 -10.78
CA ASP A 490 5.89 -1.32 -12.09
C ASP A 490 5.92 0.02 -12.80
N ARG A 491 5.80 1.13 -12.04
CA ARG A 491 5.93 2.46 -12.63
C ARG A 491 7.33 2.66 -13.22
N ASN A 492 8.36 2.35 -12.42
CA ASN A 492 9.74 2.48 -12.88
C ASN A 492 10.02 1.56 -14.06
N LEU A 493 9.48 0.33 -14.02
CA LEU A 493 9.73 -0.64 -15.08
C LEU A 493 9.04 -0.25 -16.39
N ALA A 494 7.82 0.28 -16.30
CA ALA A 494 7.11 0.72 -17.50
C ALA A 494 7.83 1.87 -18.17
N ILE A 495 8.30 2.84 -17.37
CA ILE A 495 9.08 3.95 -17.90
C ILE A 495 10.39 3.45 -18.51
N LEU A 496 11.06 2.52 -17.82
CA LEU A 496 12.34 1.99 -18.29
C LEU A 496 12.18 1.24 -19.62
N ARG A 497 11.13 0.42 -19.75
CA ARG A 497 11.02 -0.35 -20.99
C ARG A 497 10.55 0.51 -22.15
N LYS A 498 9.79 1.58 -21.89
CA LYS A 498 9.51 2.56 -22.94
C LYS A 498 10.78 3.25 -23.40
N PHE A 499 11.61 3.71 -22.44
CA PHE A 499 12.86 4.38 -22.77
C PHE A 499 13.81 3.45 -23.52
N LEU A 500 13.88 2.19 -23.09
CA LEU A 500 14.80 1.25 -23.69
C LEU A 500 14.36 0.84 -25.09
N SER A 501 13.05 0.67 -25.31
CA SER A 501 12.57 0.38 -26.66
C SER A 501 12.82 1.53 -27.61
N SER A 502 12.55 2.76 -27.18
CA SER A 502 12.77 3.92 -28.03
C SER A 502 14.26 4.14 -28.29
N ALA A 503 15.10 3.97 -27.27
CA ALA A 503 16.53 4.17 -27.42
C ALA A 503 17.17 3.07 -28.25
N THR A 504 16.66 1.82 -28.13
CA THR A 504 17.18 0.74 -28.96
C THR A 504 16.80 0.91 -30.42
N MET A 505 15.58 1.40 -30.69
CA MET A 505 15.23 1.66 -32.08
C MET A 505 15.91 2.91 -32.63
N ARG A 506 16.36 3.82 -31.76
CA ARG A 506 17.09 4.99 -32.26
C ARG A 506 18.56 4.67 -32.50
N TRP A 507 19.28 4.24 -31.45
CA TRP A 507 20.73 4.13 -31.50
C TRP A 507 21.22 2.69 -31.35
N GLY A 508 20.36 1.69 -31.54
CA GLY A 508 20.77 0.32 -31.34
C GLY A 508 20.79 -0.05 -29.87
N PRO A 509 21.14 -1.29 -29.56
CA PRO A 509 21.21 -1.71 -28.16
C PRO A 509 22.35 -1.02 -27.44
N PRO A 510 22.24 -0.83 -26.13
CA PRO A 510 23.33 -0.21 -25.38
C PRO A 510 24.55 -1.11 -25.28
N GLN A 511 25.72 -0.49 -25.13
CA GLN A 511 26.95 -1.25 -24.95
C GLN A 511 27.03 -1.83 -23.55
N SER A 512 26.68 -1.03 -22.54
CA SER A 512 26.50 -1.55 -21.19
C SER A 512 25.43 -0.72 -20.48
N ILE A 513 24.92 -1.27 -19.39
CA ILE A 513 23.76 -0.72 -18.69
C ILE A 513 24.14 -0.52 -17.23
N VAL A 514 23.89 0.67 -16.69
CA VAL A 514 24.24 0.99 -15.32
C VAL A 514 22.97 1.23 -14.51
N VAL A 515 22.82 0.49 -13.42
CA VAL A 515 21.71 0.63 -12.49
C VAL A 515 22.28 1.01 -11.13
N GLU A 516 21.61 1.93 -10.44
CA GLU A 516 22.01 2.33 -9.09
C GLU A 516 21.16 1.60 -8.06
N LEU A 517 21.80 0.80 -7.22
CA LEU A 517 21.11 0.09 -6.16
C LEU A 517 20.98 0.98 -4.93
N ALA A 518 19.88 0.78 -4.19
CA ALA A 518 19.61 1.59 -3.00
C ALA A 518 20.23 0.94 -1.76
N ARG A 519 21.56 0.83 -1.77
CA ARG A 519 22.31 0.22 -0.70
C ARG A 519 23.39 1.18 -0.22
N GLY A 520 23.61 1.22 1.08
CA GLY A 520 24.61 2.09 1.66
C GLY A 520 25.34 1.41 2.80
N ALA A 521 26.61 1.76 2.96
CA ALA A 521 27.44 1.17 4.00
C ALA A 521 28.35 2.16 4.72
N SER A 522 28.36 3.43 4.34
CA SER A 522 29.30 4.42 4.89
C SER A 522 28.85 4.86 6.29
N GLU A 523 29.05 3.97 7.25
CA GLU A 523 28.66 4.20 8.63
C GLU A 523 29.88 4.09 9.54
N SER A 524 29.79 4.74 10.69
CA SER A 524 30.87 4.64 11.67
C SER A 524 30.82 3.30 12.40
N ARG A 525 31.91 3.03 13.11
CA ARG A 525 32.04 1.77 13.84
C ARG A 525 31.09 1.71 15.02
N GLU A 526 30.76 2.87 15.61
CA GLU A 526 29.81 2.86 16.71
C GLU A 526 28.38 2.67 16.22
N ARG A 527 28.06 3.15 15.00
CA ARG A 527 26.77 2.84 14.39
C ARG A 527 26.66 1.35 14.12
N GLN A 528 27.73 0.73 13.60
CA GLN A 528 27.71 -0.72 13.39
C GLN A 528 27.61 -1.48 14.70
N ALA A 529 28.27 -0.98 15.76
CA ALA A 529 28.23 -1.62 17.06
C ALA A 529 26.84 -1.57 17.68
N GLU A 530 26.17 -0.41 17.60
CA GLU A 530 24.84 -0.33 18.18
C GLU A 530 23.82 -1.08 17.34
N GLU A 531 24.03 -1.18 16.03
CA GLU A 531 23.14 -1.99 15.21
C GLU A 531 23.32 -3.48 15.50
N GLU A 532 24.55 -3.91 15.76
CA GLU A 532 24.78 -5.31 16.13
C GLU A 532 24.20 -5.64 17.50
N ALA A 533 24.37 -4.73 18.47
CA ALA A 533 23.78 -4.94 19.80
C ALA A 533 22.26 -4.90 19.74
N ALA A 534 21.70 -4.04 18.91
CA ALA A 534 20.26 -3.97 18.71
C ALA A 534 19.73 -5.24 18.09
N ARG A 535 20.45 -5.80 17.10
CA ARG A 535 20.04 -7.07 16.49
C ARG A 535 20.09 -8.20 17.51
N ARG A 536 21.13 -8.21 18.36
CA ARG A 536 21.24 -9.21 19.42
C ARG A 536 20.07 -9.13 20.40
N ALA A 537 19.72 -7.90 20.82
CA ALA A 537 18.63 -7.70 21.76
C ALA A 537 17.29 -8.08 21.15
N HIS A 538 17.08 -7.72 19.87
CA HIS A 538 15.84 -8.06 19.17
C HIS A 538 15.69 -9.56 19.04
N ARG A 539 16.77 -10.27 18.69
CA ARG A 539 16.70 -11.72 18.54
C ARG A 539 16.45 -12.41 19.88
N LYS A 540 17.11 -11.94 20.95
CA LYS A 540 16.94 -12.55 22.26
C LYS A 540 15.52 -12.37 22.78
N ALA A 541 14.98 -11.14 22.68
CA ALA A 541 13.63 -10.89 23.18
C ALA A 541 12.58 -11.55 22.30
N ASN A 542 12.81 -11.59 20.99
CA ASN A 542 11.88 -12.26 20.10
C ASN A 542 11.88 -13.76 20.33
N ASP A 543 13.03 -14.35 20.66
CA ASP A 543 13.08 -15.77 20.98
C ASP A 543 12.35 -16.07 22.29
N ARG A 544 12.54 -15.23 23.32
CA ARG A 544 11.84 -15.44 24.58
C ARG A 544 10.33 -15.29 24.41
N ILE A 545 9.90 -14.25 23.69
CA ILE A 545 8.48 -14.02 23.45
C ILE A 545 7.88 -15.11 22.58
N ARG A 546 8.66 -15.61 21.61
CA ARG A 546 8.23 -16.74 20.81
C ARG A 546 8.01 -17.98 21.67
N ALA A 547 8.92 -18.24 22.61
CA ALA A 547 8.77 -19.39 23.50
C ALA A 547 7.55 -19.24 24.40
N GLU A 548 7.29 -18.00 24.87
CA GLU A 548 6.08 -17.74 25.65
C GLU A 548 4.82 -17.95 24.83
N LEU A 549 4.84 -17.59 23.55
CA LEU A 549 3.64 -17.73 22.73
C LEU A 549 3.40 -19.18 22.29
N ARG A 550 4.46 -19.97 22.04
CA ARG A 550 4.25 -21.41 21.89
C ARG A 550 3.77 -22.07 23.18
N ALA A 551 4.18 -21.55 24.34
CA ALA A 551 3.61 -22.04 25.58
C ALA A 551 2.16 -21.60 25.74
N SER A 552 1.77 -20.47 25.14
CA SER A 552 0.42 -19.94 25.23
C SER A 552 -0.49 -20.42 24.10
N GLY A 553 0.02 -21.24 23.18
CA GLY A 553 -0.78 -21.77 22.10
C GLY A 553 -0.56 -21.14 20.75
N LEU A 554 0.11 -19.99 20.68
CA LEU A 554 0.43 -19.37 19.40
C LEU A 554 1.65 -20.08 18.82
N SER A 555 1.40 -20.99 17.87
CA SER A 555 2.45 -21.85 17.36
C SER A 555 3.43 -21.08 16.48
N ASP A 556 2.92 -20.21 15.61
CA ASP A 556 3.73 -19.48 14.65
C ASP A 556 3.48 -17.98 14.87
N PRO A 557 4.21 -17.35 15.79
CA PRO A 557 3.99 -15.92 16.06
C PRO A 557 4.43 -15.06 14.89
N SER A 558 3.49 -14.28 14.37
CA SER A 558 3.76 -13.27 13.37
C SER A 558 4.48 -12.08 14.02
N PRO A 559 5.08 -11.18 13.21
CA PRO A 559 5.61 -9.94 13.77
C PRO A 559 4.57 -9.09 14.49
N ALA A 560 3.32 -9.14 14.05
CA ALA A 560 2.24 -8.46 14.76
C ALA A 560 2.01 -9.08 16.13
N ASP A 561 2.11 -10.41 16.22
CA ASP A 561 2.00 -11.09 17.50
C ASP A 561 3.17 -10.74 18.42
N LEU A 562 4.37 -10.60 17.86
CA LEU A 562 5.53 -10.21 18.65
C LEU A 562 5.39 -8.78 19.18
N VAL A 563 4.90 -7.86 18.34
CA VAL A 563 4.66 -6.48 18.76
C VAL A 563 3.58 -6.43 19.85
N ARG A 564 2.51 -7.22 19.67
CA ARG A 564 1.41 -7.25 20.63
C ARG A 564 1.85 -7.78 21.98
N ALA A 565 2.66 -8.85 21.98
CA ALA A 565 3.17 -9.40 23.24
C ALA A 565 4.17 -8.46 23.89
N ARG A 566 4.98 -7.76 23.07
CA ARG A 566 5.92 -6.77 23.58
C ARG A 566 5.20 -5.64 24.30
N LEU A 567 4.14 -5.11 23.70
CA LEU A 567 3.47 -3.98 24.30
C LEU A 567 2.54 -4.40 25.43
N LEU A 568 2.09 -5.66 25.44
CA LEU A 568 1.36 -6.18 26.59
C LEU A 568 2.29 -6.37 27.78
N GLU A 569 3.52 -6.80 27.53
CA GLU A 569 4.51 -6.87 28.60
C GLU A 569 4.92 -5.48 29.06
N LEU A 570 5.03 -4.54 28.10
CA LEU A 570 5.60 -3.23 28.39
C LEU A 570 4.65 -2.36 29.21
N TYR A 571 3.34 -2.49 28.99
CA TYR A 571 2.40 -1.63 29.68
C TYR A 571 1.55 -2.40 30.70
N ASP A 572 1.99 -3.61 31.05
CA ASP A 572 1.43 -4.45 32.12
C ASP A 572 -0.04 -4.76 31.79
N CYS A 573 -0.26 -5.19 30.54
CA CYS A 573 -1.57 -5.61 30.01
C CYS A 573 -2.64 -4.54 30.17
N HIS A 574 -2.25 -3.29 30.02
CA HIS A 574 -3.19 -2.17 30.05
C HIS A 574 -3.21 -1.49 28.69
N CYS A 575 -4.27 -0.72 28.46
CA CYS A 575 -4.32 0.14 27.29
C CYS A 575 -3.32 1.28 27.43
N MET A 576 -2.68 1.64 26.34
CA MET A 576 -1.71 2.75 26.37
C MET A 576 -2.39 4.10 26.53
N TYR A 577 -3.66 4.21 26.14
CA TYR A 577 -4.32 5.50 26.04
C TYR A 577 -5.13 5.83 27.28
N CYS A 578 -5.96 4.89 27.75
CA CYS A 578 -6.84 5.11 28.87
C CYS A 578 -6.50 4.25 30.09
N GLY A 579 -5.68 3.22 29.93
CA GLY A 579 -5.26 2.40 31.05
C GLY A 579 -6.19 1.28 31.44
N ALA A 580 -7.18 0.96 30.61
CA ALA A 580 -8.07 -0.14 30.92
C ALA A 580 -7.36 -1.48 30.74
N PRO A 581 -7.66 -2.48 31.58
CA PRO A 581 -7.01 -3.79 31.43
C PRO A 581 -7.45 -4.50 30.17
N ILE A 582 -6.49 -5.12 29.49
CA ILE A 582 -6.71 -5.77 28.21
C ILE A 582 -6.09 -7.16 28.22
N SER A 583 -6.63 -8.01 27.36
CA SER A 583 -6.16 -9.37 27.13
C SER A 583 -5.47 -9.43 25.77
N TRP A 584 -5.08 -10.65 25.37
CA TRP A 584 -4.54 -10.84 24.03
C TRP A 584 -5.61 -10.63 22.96
N GLU A 585 -6.84 -11.04 23.24
CA GLU A 585 -7.84 -11.16 22.19
C GLU A 585 -8.66 -9.88 21.98
N ASN A 586 -8.80 -9.03 23.00
CA ASN A 586 -9.57 -7.80 22.85
C ASN A 586 -8.70 -6.57 22.65
N SER A 587 -7.39 -6.72 22.66
CA SER A 587 -6.50 -5.60 22.42
C SER A 587 -6.37 -5.35 20.93
N GLU A 588 -6.05 -4.12 20.57
CA GLU A 588 -5.86 -3.78 19.16
C GLU A 588 -4.57 -3.00 18.99
N LEU A 589 -3.86 -3.28 17.90
CA LEU A 589 -2.62 -2.57 17.60
C LEU A 589 -2.99 -1.36 16.75
N ASP A 590 -3.26 -0.25 17.43
CA ASP A 590 -3.64 0.99 16.78
C ASP A 590 -2.41 1.65 16.15
N HIS A 591 -2.52 1.98 14.88
CA HIS A 591 -1.55 2.85 14.24
C HIS A 591 -1.75 4.26 14.78
N ILE A 592 -0.73 4.78 15.48
CA ILE A 592 -0.84 6.09 16.12
C ILE A 592 -1.02 7.17 15.07
N VAL A 593 -0.18 7.14 14.04
CA VAL A 593 -0.50 7.77 12.76
C VAL A 593 -1.23 6.72 11.94
N PRO A 594 -2.50 6.93 11.57
CA PRO A 594 -3.27 5.86 10.94
C PRO A 594 -2.83 5.61 9.51
N ARG A 595 -3.33 4.49 8.98
CA ARG A 595 -3.00 4.09 7.62
C ARG A 595 -3.56 5.09 6.61
N THR A 596 -4.67 5.73 6.95
CA THR A 596 -5.28 6.71 6.06
C THR A 596 -4.62 8.07 6.21
N ASP A 597 -3.68 8.21 7.13
CA ASP A 597 -2.79 9.37 7.13
C ASP A 597 -1.37 8.96 6.73
N GLY A 598 -1.19 7.76 6.19
CA GLY A 598 0.13 7.36 5.74
C GLY A 598 0.98 6.66 6.76
N GLY A 599 0.44 6.31 7.93
CA GLY A 599 1.24 5.71 8.97
C GLY A 599 1.70 4.31 8.61
N SER A 600 2.87 3.96 9.12
CA SER A 600 3.55 2.72 8.78
C SER A 600 3.31 1.66 9.84
N ASN A 601 3.78 0.45 9.56
CA ASN A 601 3.69 -0.66 10.49
C ASN A 601 4.94 -0.82 11.34
N ARG A 602 5.80 0.20 11.37
CA ARG A 602 6.93 0.22 12.29
C ARG A 602 6.42 0.26 13.73
N HIS A 603 7.17 -0.38 14.62
CA HIS A 603 6.67 -0.62 15.97
C HIS A 603 6.58 0.65 16.81
N GLU A 604 7.23 1.73 16.39
CA GLU A 604 7.01 3.01 17.03
C GLU A 604 5.67 3.64 16.65
N ASN A 605 5.08 3.22 15.53
CA ASN A 605 3.76 3.67 15.14
C ASN A 605 2.64 2.84 15.75
N LEU A 606 2.96 1.71 16.38
CA LEU A 606 1.96 0.80 16.90
C LEU A 606 1.79 0.99 18.40
N ALA A 607 0.55 1.22 18.83
CA ALA A 607 0.19 1.33 20.23
C ALA A 607 -0.77 0.20 20.58
N ILE A 608 -0.65 -0.34 21.77
CA ILE A 608 -1.58 -1.37 22.22
C ILE A 608 -2.78 -0.67 22.86
N THR A 609 -3.99 -1.05 22.44
CA THR A 609 -5.20 -0.36 22.88
C THR A 609 -6.25 -1.42 23.23
N CYS A 610 -7.45 -0.93 23.54
CA CYS A 610 -8.55 -1.76 24.01
C CYS A 610 -9.65 -1.96 22.97
N GLY A 611 -9.52 -1.37 21.79
CA GLY A 611 -10.59 -1.45 20.80
C GLY A 611 -11.57 -0.31 20.88
N ALA A 612 -12.05 0.01 22.09
CA ALA A 612 -12.90 1.18 22.27
C ALA A 612 -12.12 2.46 22.02
N CYS A 613 -10.90 2.55 22.54
CA CYS A 613 -10.04 3.71 22.30
C CYS A 613 -9.64 3.80 20.83
N ASN A 614 -9.39 2.65 20.20
CA ASN A 614 -9.03 2.60 18.79
C ASN A 614 -10.19 3.06 17.91
N LYS A 615 -11.41 2.64 18.24
CA LYS A 615 -12.56 3.04 17.44
C LYS A 615 -12.91 4.50 17.67
N GLU A 616 -12.77 4.98 18.90
CA GLU A 616 -13.11 6.38 19.18
C GLU A 616 -12.06 7.33 18.62
N LYS A 617 -10.79 6.93 18.62
CA LYS A 617 -9.76 7.72 17.94
C LYS A 617 -9.97 7.69 16.44
N GLY A 618 -10.14 6.51 15.86
CA GLY A 618 -10.45 6.38 14.44
C GLY A 618 -9.28 6.81 13.58
N ARG A 619 -9.56 7.70 12.64
CA ARG A 619 -8.57 8.20 11.69
C ARG A 619 -8.04 9.58 12.07
N ARG A 620 -8.34 10.04 13.28
CA ARG A 620 -7.96 11.35 13.75
C ARG A 620 -6.54 11.32 14.33
N PRO A 621 -5.85 12.47 14.34
CA PRO A 621 -4.59 12.55 15.10
C PRO A 621 -4.84 12.39 16.59
N PHE A 622 -3.83 11.83 17.28
CA PHE A 622 -4.02 11.43 18.67
C PHE A 622 -4.19 12.64 19.59
N ALA A 623 -3.44 13.71 19.34
CA ALA A 623 -3.49 14.87 20.24
C ALA A 623 -4.82 15.59 20.11
N SER A 624 -5.32 15.73 18.88
CA SER A 624 -6.64 16.31 18.66
C SER A 624 -7.74 15.43 19.25
N TRP A 625 -7.60 14.11 19.11
CA TRP A 625 -8.58 13.20 19.69
C TRP A 625 -8.57 13.26 21.21
N ALA A 626 -7.39 13.33 21.82
CA ALA A 626 -7.30 13.42 23.27
C ALA A 626 -7.78 14.76 23.79
N GLU A 627 -7.63 15.82 23.00
CA GLU A 627 -8.20 17.11 23.36
C GLU A 627 -9.72 17.07 23.33
N THR A 628 -10.31 16.48 22.29
CA THR A 628 -11.76 16.47 22.16
C THR A 628 -12.41 15.47 23.12
N SER A 629 -11.78 14.31 23.29
CA SER A 629 -12.36 13.22 24.07
C SER A 629 -12.27 13.49 25.57
N ASN A 630 -13.19 12.87 26.30
CA ASN A 630 -13.20 12.89 27.76
C ASN A 630 -12.75 11.56 28.34
N ARG A 631 -12.16 10.69 27.53
CA ARG A 631 -11.70 9.37 27.95
C ARG A 631 -10.21 9.32 28.25
N VAL A 632 -9.39 10.01 27.46
CA VAL A 632 -7.94 9.98 27.61
C VAL A 632 -7.44 11.41 27.75
N GLN A 633 -6.25 11.56 28.34
CA GLN A 633 -5.58 12.84 28.42
C GLN A 633 -4.22 12.77 27.74
N LEU A 634 -3.88 13.86 27.02
CA LEU A 634 -2.63 13.94 26.27
C LEU A 634 -1.43 13.86 27.20
N ARG A 635 -1.45 14.65 28.27
CA ARG A 635 -0.32 14.68 29.19
C ARG A 635 -0.17 13.38 29.93
N ASP A 636 -1.29 12.70 30.22
CA ASP A 636 -1.22 11.41 30.91
C ASP A 636 -0.62 10.35 30.01
N VAL A 637 -0.96 10.35 28.71
CA VAL A 637 -0.38 9.37 27.79
C VAL A 637 1.11 9.63 27.57
N ILE A 638 1.48 10.91 27.37
CA ILE A 638 2.89 11.26 27.15
C ILE A 638 3.71 10.96 28.40
N ASP A 639 3.14 11.24 29.57
CA ASP A 639 3.80 10.95 30.84
C ASP A 639 3.96 9.44 31.06
N ARG A 640 2.94 8.65 30.70
CA ARG A 640 2.99 7.21 30.88
C ARG A 640 4.01 6.58 29.94
N VAL A 641 4.17 7.15 28.74
CA VAL A 641 5.24 6.71 27.86
C VAL A 641 6.60 7.09 28.44
N GLN A 642 6.74 8.32 28.95
CA GLN A 642 8.04 8.79 29.42
C GLN A 642 8.50 8.16 30.74
N LYS A 643 7.58 7.62 31.56
CA LYS A 643 8.04 6.92 32.76
C LYS A 643 8.34 5.45 32.55
N LEU A 644 8.31 4.95 31.32
CA LEU A 644 8.78 3.60 31.09
C LEU A 644 10.29 3.57 31.34
N LYS A 645 10.71 2.62 32.15
CA LYS A 645 12.09 2.53 32.60
C LYS A 645 12.75 1.26 32.06
N TYR A 646 14.06 1.35 31.86
CA TYR A 646 14.81 0.21 31.37
C TYR A 646 14.99 -0.83 32.48
N SER A 647 15.23 -2.07 32.06
CA SER A 647 15.25 -3.22 32.95
C SER A 647 16.42 -4.10 32.54
N GLY A 648 16.41 -5.36 32.98
CA GLY A 648 17.49 -6.26 32.66
C GLY A 648 17.52 -6.64 31.19
N ASN A 649 16.54 -7.39 30.72
CA ASN A 649 16.52 -7.89 29.35
C ASN A 649 15.19 -7.56 28.68
N MET A 650 15.17 -6.47 27.92
CA MET A 650 14.04 -6.21 27.04
C MET A 650 14.51 -6.15 25.60
N TYR A 651 13.57 -5.75 24.73
CA TYR A 651 13.77 -5.80 23.30
C TYR A 651 14.71 -4.70 22.82
N TRP A 652 14.56 -3.50 23.36
CA TRP A 652 15.38 -2.38 22.95
C TRP A 652 16.66 -2.36 23.76
N THR A 653 17.69 -1.71 23.19
CA THR A 653 18.86 -1.32 23.95
C THR A 653 18.55 -0.03 24.69
N ARG A 654 19.55 0.57 25.36
CA ARG A 654 19.35 1.85 26.02
C ARG A 654 18.99 2.94 25.02
N ASP A 655 19.81 3.09 23.98
CA ASP A 655 19.58 4.11 22.97
C ASP A 655 18.33 3.81 22.14
N GLU A 656 18.05 2.53 21.89
CA GLU A 656 16.83 2.19 21.17
C GLU A 656 15.58 2.45 21.99
N PHE A 657 15.63 2.19 23.31
CA PHE A 657 14.51 2.52 24.17
C PHE A 657 14.27 4.01 24.22
N SER A 658 15.36 4.80 24.26
CA SER A 658 15.24 6.26 24.24
C SER A 658 14.61 6.75 22.93
N ARG A 659 15.12 6.26 21.79
CA ARG A 659 14.62 6.74 20.51
C ARG A 659 13.20 6.23 20.24
N TYR A 660 12.85 5.06 20.80
CA TYR A 660 11.49 4.55 20.72
C TYR A 660 10.54 5.45 21.50
N LYS A 661 10.94 5.88 22.70
CA LYS A 661 10.10 6.76 23.50
C LYS A 661 9.91 8.13 22.82
N LYS A 662 10.98 8.72 22.29
CA LYS A 662 10.85 10.00 21.58
C LYS A 662 10.00 9.88 20.31
N SER A 663 10.15 8.79 19.55
CA SER A 663 9.36 8.67 18.32
C SER A 663 7.90 8.39 18.63
N VAL A 664 7.61 7.61 19.67
CA VAL A 664 6.23 7.38 20.09
C VAL A 664 5.58 8.68 20.57
N VAL A 665 6.32 9.46 21.39
CA VAL A 665 5.78 10.71 21.90
C VAL A 665 5.55 11.72 20.77
N ALA A 666 6.46 11.75 19.79
CA ALA A 666 6.30 12.64 18.64
C ALA A 666 5.13 12.23 17.78
N ARG A 667 4.82 10.92 17.73
CA ARG A 667 3.62 10.51 17.00
C ARG A 667 2.35 10.84 17.79
N LEU A 668 2.42 10.79 19.12
CA LEU A 668 1.25 11.09 19.94
C LEU A 668 0.97 12.59 20.03
N LYS A 669 1.92 13.44 19.69
CA LYS A 669 1.76 14.88 19.91
C LYS A 669 1.18 15.64 18.72
N ARG A 670 1.04 15.02 17.56
CA ARG A 670 0.66 15.76 16.37
C ARG A 670 -0.84 16.04 16.36
N ARG A 671 -1.22 17.19 15.80
CA ARG A 671 -2.61 17.62 15.79
C ARG A 671 -3.24 17.69 14.42
N THR A 672 -2.47 17.99 13.38
CA THR A 672 -2.99 17.96 12.02
C THR A 672 -2.68 16.61 11.38
N SER A 673 -3.20 16.41 10.18
CA SER A 673 -2.92 15.20 9.39
C SER A 673 -1.65 15.42 8.57
N ASP A 674 -0.54 15.51 9.30
CA ASP A 674 0.77 15.68 8.67
C ASP A 674 1.18 14.40 7.96
N PRO A 675 2.05 14.49 6.95
CA PRO A 675 2.57 13.28 6.32
C PRO A 675 3.49 12.51 7.27
N GLU A 676 3.64 11.22 6.97
CA GLU A 676 4.41 10.32 7.81
C GLU A 676 5.90 10.67 7.76
N VAL A 677 6.58 10.51 8.90
CA VAL A 677 7.99 10.86 9.01
C VAL A 677 8.85 9.95 8.14
N ILE A 678 8.59 8.65 8.19
CA ILE A 678 9.44 7.64 7.56
C ILE A 678 8.82 7.23 6.22
N GLN A 679 9.63 7.20 5.17
CA GLN A 679 9.19 6.86 3.84
C GLN A 679 9.81 5.54 3.38
N SER A 680 9.14 4.90 2.42
CA SER A 680 9.43 3.53 2.02
C SER A 680 10.68 3.48 1.14
N ILE A 681 11.80 3.08 1.75
CA ILE A 681 13.03 2.80 1.00
C ILE A 681 13.02 1.40 0.40
N GLU A 682 12.06 0.57 0.83
CA GLU A 682 11.94 -0.79 0.31
C GLU A 682 11.56 -0.78 -1.16
N SER A 683 10.64 0.09 -1.56
CA SER A 683 10.24 0.13 -2.96
C SER A 683 11.34 0.73 -3.83
N THR A 684 12.23 1.53 -3.25
CA THR A 684 13.41 1.99 -3.98
C THR A 684 14.37 0.85 -4.24
N GLY A 685 14.67 0.06 -3.20
CA GLY A 685 15.57 -1.07 -3.39
C GLY A 685 14.97 -2.15 -4.28
N TYR A 686 13.66 -2.38 -4.16
CA TYR A 686 12.96 -3.34 -5.00
C TYR A 686 12.95 -2.87 -6.46
N ALA A 687 12.71 -1.58 -6.70
CA ALA A 687 12.72 -1.07 -8.06
C ALA A 687 14.10 -1.21 -8.68
N ALA A 688 15.16 -0.90 -7.93
CA ALA A 688 16.51 -1.05 -8.45
C ALA A 688 16.86 -2.50 -8.74
N VAL A 689 16.52 -3.41 -7.82
CA VAL A 689 16.86 -4.82 -7.99
C VAL A 689 16.07 -5.46 -9.13
N ALA A 690 14.77 -5.19 -9.20
CA ALA A 690 13.92 -5.80 -10.23
C ALA A 690 14.23 -5.22 -11.61
N LEU A 691 14.50 -3.92 -11.68
CA LEU A 691 14.90 -3.31 -12.93
C LEU A 691 16.25 -3.83 -13.39
N ARG A 692 17.17 -4.09 -12.45
CA ARG A 692 18.45 -4.70 -12.80
C ARG A 692 18.26 -6.11 -13.35
N ASP A 693 17.38 -6.91 -12.75
CA ASP A 693 17.15 -8.27 -13.22
C ASP A 693 16.54 -8.27 -14.62
N ARG A 694 15.59 -7.37 -14.88
CA ARG A 694 14.98 -7.32 -16.20
C ARG A 694 15.92 -6.72 -17.23
N LEU A 695 16.80 -5.79 -16.81
CA LEU A 695 17.83 -5.29 -17.72
C LEU A 695 18.87 -6.36 -18.02
N LEU A 696 19.12 -7.27 -17.08
CA LEU A 696 19.99 -8.41 -17.37
C LEU A 696 19.34 -9.38 -18.36
N SER A 697 18.01 -9.55 -18.26
CA SER A 697 17.30 -10.33 -19.27
C SER A 697 17.39 -9.68 -20.65
N TYR A 698 17.22 -8.36 -20.70
CA TYR A 698 17.37 -7.62 -21.94
C TYR A 698 18.79 -7.73 -22.50
N GLY A 699 19.79 -7.70 -21.62
CA GLY A 699 21.17 -7.84 -22.06
C GLY A 699 21.49 -9.22 -22.60
N GLU A 700 20.92 -10.25 -21.98
CA GLU A 700 21.05 -11.61 -22.50
C GLU A 700 20.41 -11.73 -23.88
N LYS A 701 19.25 -11.07 -24.06
CA LYS A 701 18.58 -11.14 -25.35
C LYS A 701 19.30 -10.32 -26.42
N ASN A 702 19.89 -9.18 -26.03
CA ASN A 702 20.32 -8.18 -27.00
C ASN A 702 21.84 -8.00 -27.07
N GLY A 703 22.62 -8.87 -26.42
CA GLY A 703 24.06 -8.79 -26.56
C GLY A 703 24.74 -7.65 -25.84
N VAL A 704 24.12 -7.12 -24.79
CA VAL A 704 24.76 -6.09 -23.97
C VAL A 704 25.91 -6.73 -23.20
N ALA A 705 27.06 -6.05 -23.19
CA ALA A 705 28.29 -6.63 -22.66
C ALA A 705 28.21 -6.88 -21.15
N GLN A 706 27.79 -5.88 -20.38
CA GLN A 706 27.63 -6.08 -18.96
C GLN A 706 26.53 -5.15 -18.44
N VAL A 707 25.96 -5.52 -17.30
CA VAL A 707 25.03 -4.67 -16.56
C VAL A 707 25.65 -4.43 -15.19
N ALA A 708 26.00 -3.19 -14.92
CA ALA A 708 26.80 -2.82 -13.76
C ALA A 708 25.94 -2.13 -12.71
N VAL A 709 26.28 -2.38 -11.44
CA VAL A 709 25.55 -1.83 -10.31
C VAL A 709 26.49 -1.05 -9.41
N PHE A 710 25.99 0.06 -8.88
CA PHE A 710 26.77 0.94 -8.02
C PHE A 710 25.86 1.46 -6.92
N ARG A 711 26.46 1.83 -5.79
CA ARG A 711 25.68 2.20 -4.62
C ARG A 711 25.08 3.59 -4.80
N GLY A 712 24.20 3.95 -3.86
CA GLY A 712 23.61 5.29 -3.89
C GLY A 712 24.61 6.40 -3.61
N GLY A 713 25.57 6.14 -2.72
CA GLY A 713 26.57 7.11 -2.35
C GLY A 713 27.81 7.15 -3.21
N VAL A 714 27.83 6.41 -4.32
CA VAL A 714 29.00 6.41 -5.19
C VAL A 714 28.75 7.43 -6.31
N THR A 715 27.48 7.55 -6.71
CA THR A 715 27.11 8.51 -7.77
C THR A 715 27.29 9.94 -7.29
N ALA A 716 26.90 10.23 -6.05
CA ALA A 716 27.04 11.58 -5.51
C ALA A 716 28.50 11.96 -5.32
N GLU A 717 29.32 11.02 -4.83
CA GLU A 717 30.75 11.28 -4.68
C GLU A 717 31.44 11.42 -6.04
N ALA A 718 30.93 10.71 -7.04
CA ALA A 718 31.41 10.89 -8.41
C ALA A 718 31.04 12.26 -8.94
N ARG A 719 29.85 12.76 -8.59
CA ARG A 719 29.41 14.04 -9.10
C ARG A 719 30.16 15.18 -8.42
N ARG A 720 30.45 15.04 -7.13
CA ARG A 720 31.18 16.10 -6.44
C ARG A 720 32.66 16.10 -6.79
N TRP A 721 33.21 14.99 -7.31
CA TRP A 721 34.59 14.99 -7.77
C TRP A 721 34.72 15.23 -9.27
N LEU A 722 33.62 15.54 -9.96
CA LEU A 722 33.66 15.92 -11.37
C LEU A 722 33.22 17.37 -11.57
N ASP A 723 33.43 18.21 -10.54
CA ASP A 723 33.04 19.63 -10.42
C ASP A 723 31.65 19.93 -10.97
N ILE A 724 30.69 19.04 -10.72
CA ILE A 724 29.32 19.21 -11.16
C ILE A 724 28.43 19.29 -9.93
N SER A 725 27.71 20.40 -9.81
CA SER A 725 26.69 20.62 -8.81
C SER A 725 25.43 21.06 -9.54
N ILE A 726 24.28 20.60 -9.04
CA ILE A 726 23.00 20.87 -9.70
C ILE A 726 22.63 22.36 -9.64
N GLU A 727 23.01 23.03 -8.55
CA GLU A 727 22.82 24.48 -8.43
C GLU A 727 23.61 25.23 -9.50
N ARG A 728 24.84 24.81 -9.76
CA ARG A 728 25.65 25.50 -10.76
C ARG A 728 25.26 25.07 -12.16
N LEU A 729 24.76 23.84 -12.32
CA LEU A 729 24.44 23.31 -13.64
C LEU A 729 23.16 23.95 -14.18
N PHE A 730 22.17 24.18 -13.33
CA PHE A 730 20.87 24.65 -13.80
C PHE A 730 20.56 26.07 -13.33
N SER A 731 21.59 26.81 -12.90
CA SER A 731 21.48 28.20 -12.41
C SER A 731 20.49 28.33 -11.26
N ARG A 732 20.45 27.33 -10.39
CA ARG A 732 19.63 27.42 -9.20
C ARG A 732 20.26 28.39 -8.21
N VAL A 733 19.41 28.95 -7.35
CA VAL A 733 19.83 29.88 -6.33
C VAL A 733 19.87 29.16 -4.99
N ALA A 734 20.49 29.79 -4.00
CA ALA A 734 20.48 29.27 -2.65
C ALA A 734 19.08 29.41 -2.05
N ILE A 735 18.70 28.43 -1.24
CA ILE A 735 17.42 28.47 -0.53
C ILE A 735 17.67 28.25 0.96
N PHE A 736 18.91 28.44 1.40
CA PHE A 736 19.28 28.40 2.80
C PHE A 736 20.28 29.51 3.09
N ALA A 737 20.25 30.02 4.33
CA ALA A 737 21.16 31.09 4.71
C ALA A 737 22.59 30.59 4.84
N GLN A 738 22.79 29.46 5.50
CA GLN A 738 24.11 28.87 5.65
C GLN A 738 24.27 27.69 4.69
N SER A 739 25.52 27.46 4.26
CA SER A 739 25.94 26.38 3.37
C SER A 739 25.18 26.41 2.04
N THR A 740 25.16 25.28 1.33
CA THR A 740 24.37 25.16 0.12
C THR A 740 23.37 24.01 0.29
N SER A 741 22.23 24.13 -0.38
CA SER A 741 21.16 23.18 -0.22
C SER A 741 21.47 21.87 -0.97
N THR A 742 20.58 20.91 -0.83
CA THR A 742 20.73 19.64 -1.52
C THR A 742 20.45 19.82 -3.01
N LYS A 743 20.82 18.79 -3.78
CA LYS A 743 20.65 18.81 -5.23
C LYS A 743 19.23 18.48 -5.67
N ARG A 744 18.33 18.22 -4.74
CA ARG A 744 16.98 17.73 -5.05
C ARG A 744 15.99 18.85 -5.29
N LEU A 745 16.43 20.12 -5.29
CA LEU A 745 15.55 21.22 -5.68
C LEU A 745 15.12 21.09 -7.14
N ASP A 746 16.07 20.84 -8.02
CA ASP A 746 15.78 20.65 -9.43
C ASP A 746 15.49 19.17 -9.69
N ARG A 747 14.46 18.93 -10.50
CA ARG A 747 14.07 17.57 -10.82
C ARG A 747 15.02 16.90 -11.81
N ARG A 748 15.82 17.68 -12.53
CA ARG A 748 16.76 17.16 -13.52
C ARG A 748 17.96 16.45 -12.93
N HIS A 749 18.12 16.47 -11.60
CA HIS A 749 19.24 15.81 -10.97
C HIS A 749 19.17 14.29 -11.07
N HIS A 750 17.99 13.72 -11.30
CA HIS A 750 17.91 12.28 -11.54
C HIS A 750 18.56 11.92 -12.88
N ALA A 751 18.30 12.71 -13.91
CA ALA A 751 18.93 12.48 -15.21
C ALA A 751 20.43 12.79 -15.16
N VAL A 752 20.84 13.78 -14.37
CA VAL A 752 22.27 14.04 -14.19
C VAL A 752 22.94 12.89 -13.45
N ASP A 753 22.25 12.34 -12.44
CA ASP A 753 22.74 11.16 -11.73
C ASP A 753 22.89 9.96 -12.66
N ALA A 754 21.94 9.79 -13.58
CA ALA A 754 22.03 8.68 -14.55
C ALA A 754 23.19 8.89 -15.53
N VAL A 755 23.40 10.14 -15.96
CA VAL A 755 24.54 10.47 -16.83
C VAL A 755 25.86 10.15 -16.11
N VAL A 756 25.95 10.52 -14.84
CA VAL A 756 27.14 10.23 -14.03
C VAL A 756 27.30 8.72 -13.84
N LEU A 757 26.17 8.01 -13.70
CA LEU A 757 26.18 6.56 -13.57
C LEU A 757 26.75 5.88 -14.80
N THR A 758 26.51 6.43 -16.00
CA THR A 758 27.04 5.85 -17.23
C THR A 758 28.57 5.85 -17.30
N THR A 759 29.24 6.63 -16.45
CA THR A 759 30.70 6.71 -16.43
C THR A 759 31.37 5.70 -15.52
N LEU A 760 30.66 5.20 -14.51
CA LEU A 760 31.30 4.51 -13.40
C LEU A 760 31.77 3.10 -13.76
N THR A 761 32.92 2.72 -13.22
CA THR A 761 33.51 1.40 -13.32
C THR A 761 33.85 0.94 -11.90
N PRO A 762 33.93 -0.40 -11.66
CA PRO A 762 34.02 -0.90 -10.26
C PRO A 762 35.20 -0.42 -9.42
N GLY A 763 36.39 -0.27 -10.00
CA GLY A 763 37.54 0.18 -9.21
C GLY A 763 37.37 1.62 -8.75
N VAL A 764 36.86 2.48 -9.63
CA VAL A 764 36.51 3.84 -9.28
C VAL A 764 35.41 3.85 -8.22
N ALA A 765 34.46 2.92 -8.33
CA ALA A 765 33.40 2.83 -7.33
C ALA A 765 33.95 2.49 -5.96
N LYS A 766 34.93 1.59 -5.90
CA LYS A 766 35.57 1.26 -4.63
C LYS A 766 36.31 2.46 -4.05
N THR A 767 37.00 3.23 -4.91
CA THR A 767 37.77 4.36 -4.39
C THR A 767 36.86 5.51 -3.94
N LEU A 768 35.77 5.79 -4.68
CA LEU A 768 34.84 6.81 -4.21
C LEU A 768 34.06 6.36 -2.99
N ALA A 769 33.79 5.06 -2.85
CA ALA A 769 33.19 4.56 -1.61
C ALA A 769 34.14 4.72 -0.44
N ASP A 770 35.44 4.48 -0.67
CA ASP A 770 36.44 4.70 0.38
C ASP A 770 36.56 6.17 0.75
N ALA A 771 36.51 7.06 -0.25
CA ALA A 771 36.55 8.50 0.01
C ALA A 771 35.32 8.97 0.78
N ARG A 772 34.14 8.44 0.42
CA ARG A 772 32.93 8.77 1.15
C ARG A 772 32.97 8.25 2.58
N SER A 773 33.52 7.04 2.78
CA SER A 773 33.63 6.49 4.13
C SER A 773 34.61 7.31 4.98
N ARG A 774 35.69 7.79 4.35
CA ARG A 774 36.62 8.68 5.05
C ARG A 774 35.96 10.00 5.42
N ARG A 775 35.16 10.55 4.52
CA ARG A 775 34.56 11.87 4.76
C ARG A 775 33.45 11.81 5.80
N VAL A 776 32.56 10.81 5.69
CA VAL A 776 31.50 10.65 6.69
C VAL A 776 32.07 10.11 8.02
N SER A 777 33.26 9.50 7.99
CA SER A 777 33.95 9.14 9.22
C SER A 777 34.48 10.41 9.88
N ALA A 778 33.60 11.08 10.62
CA ALA A 778 33.92 12.33 11.28
C ALA A 778 34.50 12.10 12.66
N SER A 791 40.90 17.62 4.69
CA SER A 791 39.76 18.01 3.87
C SER A 791 40.18 18.94 2.73
N THR A 792 40.09 18.46 1.49
CA THR A 792 39.66 17.12 1.09
C THR A 792 40.73 16.47 0.23
N GLU A 793 41.10 15.24 0.57
CA GLU A 793 42.16 14.56 -0.16
C GLU A 793 41.62 13.94 -1.44
N GLU A 794 42.32 14.17 -2.54
CA GLU A 794 41.97 13.52 -3.79
C GLU A 794 42.28 12.03 -3.67
N PRO A 795 41.37 11.14 -4.09
CA PRO A 795 41.58 9.71 -3.90
C PRO A 795 42.75 9.20 -4.75
N GLN A 796 43.57 8.35 -4.13
CA GLN A 796 44.84 7.93 -4.71
C GLN A 796 44.68 6.56 -5.32
N SER A 797 44.41 6.52 -6.63
CA SER A 797 44.32 5.26 -7.35
C SER A 797 44.44 5.50 -8.85
N PRO A 798 44.93 4.49 -9.60
CA PRO A 798 44.94 4.61 -11.07
C PRO A 798 43.56 4.71 -11.65
N ALA A 799 42.59 3.91 -11.15
CA ALA A 799 41.28 3.86 -11.78
C ALA A 799 40.57 5.20 -11.64
N TYR A 800 40.75 5.87 -10.49
CA TYR A 800 40.27 7.23 -10.34
C TYR A 800 40.96 8.16 -11.34
N ARG A 801 42.26 7.94 -11.60
CA ARG A 801 42.93 8.88 -12.51
C ARG A 801 42.46 8.69 -13.95
N GLN A 802 42.31 7.44 -14.43
CA GLN A 802 41.75 7.26 -15.78
C GLN A 802 40.28 7.69 -15.84
N TRP A 803 39.53 7.55 -14.75
CA TRP A 803 38.14 8.01 -14.75
C TRP A 803 38.06 9.53 -14.85
N LYS A 804 38.95 10.24 -14.15
CA LYS A 804 38.95 11.70 -14.26
C LYS A 804 39.41 12.16 -15.63
N GLU A 805 40.40 11.47 -16.22
CA GLU A 805 40.85 11.85 -17.55
C GLU A 805 39.82 11.49 -18.61
N SER A 806 39.00 10.47 -18.37
CA SER A 806 37.91 10.16 -19.29
C SER A 806 36.75 11.15 -19.14
N CYS A 807 36.49 11.58 -17.91
CA CYS A 807 35.28 12.32 -17.59
C CYS A 807 35.54 13.79 -17.27
N SER A 808 36.69 14.31 -17.69
CA SER A 808 36.94 15.75 -17.59
C SER A 808 35.97 16.55 -18.44
N GLY A 809 35.59 16.03 -19.60
CA GLY A 809 34.63 16.69 -20.47
C GLY A 809 33.17 16.50 -20.11
N LEU A 810 32.87 15.71 -19.07
CA LEU A 810 31.49 15.48 -18.68
C LEU A 810 30.84 16.74 -18.13
N GLY A 811 31.61 17.58 -17.43
CA GLY A 811 31.07 18.84 -16.95
C GLY A 811 30.69 19.78 -18.07
N ASP A 812 31.56 19.89 -19.08
CA ASP A 812 31.26 20.72 -20.26
C ASP A 812 30.08 20.15 -21.03
N LEU A 813 29.98 18.83 -21.11
CA LEU A 813 28.88 18.20 -21.84
C LEU A 813 27.55 18.42 -21.13
N LEU A 814 27.54 18.33 -19.79
CA LEU A 814 26.31 18.63 -19.03
C LEU A 814 25.95 20.10 -19.10
N ILE A 815 26.94 21.00 -19.09
CA ILE A 815 26.65 22.43 -19.23
C ILE A 815 26.04 22.72 -20.61
N SER A 816 26.60 22.12 -21.66
CA SER A 816 26.07 22.34 -23.01
C SER A 816 24.71 21.70 -23.19
N THR A 817 24.45 20.59 -22.49
CA THR A 817 23.15 19.94 -22.59
C THR A 817 22.08 20.73 -21.84
N ALA A 818 22.42 21.23 -20.65
CA ALA A 818 21.47 21.98 -19.84
C ALA A 818 21.21 23.37 -20.38
N ALA A 819 22.17 23.95 -21.10
CA ALA A 819 21.98 25.29 -21.64
C ALA A 819 20.93 25.31 -22.75
N ARG A 820 20.85 24.24 -23.53
CA ARG A 820 19.86 24.09 -24.59
C ARG A 820 18.55 23.51 -24.07
N ASP A 821 18.49 23.19 -22.76
CA ASP A 821 17.37 22.53 -22.10
C ASP A 821 17.03 21.20 -22.77
N SER A 822 18.06 20.46 -23.17
CA SER A 822 17.88 19.14 -23.75
C SER A 822 17.53 18.09 -22.71
N ILE A 823 17.75 18.37 -21.43
CA ILE A 823 17.35 17.46 -20.36
C ILE A 823 15.89 17.72 -20.07
N ALA A 824 15.09 16.65 -20.04
CA ALA A 824 13.66 16.83 -19.86
C ALA A 824 13.19 16.28 -18.52
N VAL A 825 12.22 16.97 -17.92
CA VAL A 825 11.45 16.43 -16.80
C VAL A 825 10.04 16.20 -17.31
N ALA A 826 9.58 14.96 -17.24
CA ALA A 826 8.31 14.59 -17.86
C ALA A 826 7.48 13.77 -16.88
N ALA A 827 6.17 13.89 -17.01
CA ALA A 827 5.24 13.06 -16.27
C ALA A 827 4.44 12.22 -17.24
N PRO A 828 4.39 10.91 -17.07
CA PRO A 828 3.57 10.07 -17.96
C PRO A 828 2.09 10.33 -17.76
N LEU A 829 1.35 10.28 -18.86
CA LEU A 829 -0.05 10.66 -18.88
C LEU A 829 -0.93 9.50 -18.46
N ARG A 830 -2.03 9.82 -17.79
CA ARG A 830 -3.08 8.84 -17.48
C ARG A 830 -4.25 9.18 -18.39
N LEU A 831 -4.41 8.38 -19.45
CA LEU A 831 -5.45 8.63 -20.43
C LEU A 831 -6.59 7.63 -20.36
N ARG A 832 -6.42 6.52 -19.66
CA ARG A 832 -7.49 5.54 -19.55
C ARG A 832 -8.61 6.09 -18.66
N PRO A 833 -9.87 5.90 -19.05
CA PRO A 833 -10.99 6.44 -18.26
C PRO A 833 -11.46 5.47 -17.17
N THR A 834 -10.52 5.09 -16.30
CA THR A 834 -10.78 4.12 -15.26
C THR A 834 -10.44 4.72 -13.90
N GLY A 835 -11.18 4.31 -12.88
CA GLY A 835 -10.99 4.81 -11.53
C GLY A 835 -12.33 5.00 -10.87
N ALA A 836 -12.33 5.81 -9.81
CA ALA A 836 -13.57 6.11 -9.10
C ALA A 836 -14.43 7.03 -9.96
N LEU A 837 -15.66 6.59 -10.25
CA LEU A 837 -16.54 7.39 -11.09
C LEU A 837 -17.10 8.57 -10.33
N HIS A 838 -17.27 8.44 -9.02
CA HIS A 838 -17.86 9.49 -8.20
C HIS A 838 -17.24 9.41 -6.81
N GLU A 839 -17.51 10.43 -6.01
CA GLU A 839 -17.07 10.39 -4.62
C GLU A 839 -17.92 9.39 -3.84
N GLU A 840 -17.36 8.93 -2.73
CA GLU A 840 -17.90 7.74 -2.04
C GLU A 840 -19.23 8.03 -1.35
N THR A 841 -19.35 9.20 -0.71
CA THR A 841 -20.49 9.48 0.15
C THR A 841 -21.72 9.80 -0.69
N LEU A 842 -22.78 9.00 -0.50
CA LEU A 842 -24.08 9.32 -1.07
C LEU A 842 -24.70 10.49 -0.31
N ARG A 843 -25.42 11.34 -1.03
CA ARG A 843 -26.01 12.52 -0.43
C ARG A 843 -27.49 12.59 -0.78
N ALA A 844 -28.28 13.08 0.17
CA ALA A 844 -29.72 13.15 0.01
C ALA A 844 -30.10 14.19 -1.02
N PHE A 845 -31.10 13.88 -1.84
CA PHE A 845 -31.60 14.83 -2.82
C PHE A 845 -32.30 16.00 -2.14
N SER A 846 -32.08 17.18 -2.69
CA SER A 846 -32.86 18.36 -2.36
C SER A 846 -34.13 18.37 -3.22
N GLU A 847 -34.94 19.42 -3.10
CA GLU A 847 -36.23 19.40 -3.74
C GLU A 847 -36.69 20.83 -4.01
N HIS A 848 -37.43 21.01 -5.10
CA HIS A 848 -37.87 22.36 -5.45
C HIS A 848 -39.19 22.29 -6.21
N THR A 849 -40.10 23.19 -5.85
CA THR A 849 -41.44 23.20 -6.44
C THR A 849 -41.37 23.68 -7.89
N VAL A 850 -42.20 23.06 -8.75
CA VAL A 850 -42.24 23.42 -10.17
C VAL A 850 -42.72 24.84 -10.36
N GLY A 851 -43.85 25.19 -9.75
CA GLY A 851 -44.43 26.50 -9.95
C GLY A 851 -43.97 27.54 -8.96
N ALA A 852 -42.65 27.71 -8.84
CA ALA A 852 -42.08 28.66 -7.91
C ALA A 852 -40.97 29.42 -8.62
N ALA A 853 -40.25 30.24 -7.87
CA ALA A 853 -39.13 30.97 -8.43
C ALA A 853 -37.98 30.00 -8.70
N TRP A 854 -37.39 30.11 -9.89
CA TRP A 854 -36.26 29.27 -10.28
C TRP A 854 -35.07 30.18 -10.55
N LYS A 855 -33.99 29.99 -9.78
CA LYS A 855 -32.74 30.69 -10.00
C LYS A 855 -31.88 29.88 -10.97
N GLY A 856 -30.62 30.26 -11.10
CA GLY A 856 -29.71 29.51 -11.94
C GLY A 856 -29.10 28.28 -11.27
N ALA A 857 -28.80 28.39 -9.98
CA ALA A 857 -28.20 27.27 -9.25
C ALA A 857 -29.18 26.10 -9.12
N GLU A 858 -30.46 26.40 -8.90
CA GLU A 858 -31.48 25.35 -8.86
C GLU A 858 -31.74 24.76 -10.24
N LEU A 859 -31.64 25.56 -11.31
CA LEU A 859 -31.79 24.98 -12.65
C LEU A 859 -30.59 24.13 -13.03
N ARG A 860 -29.40 24.45 -12.51
CA ARG A 860 -28.23 23.62 -12.76
C ARG A 860 -28.19 22.36 -11.91
N ARG A 861 -29.12 22.20 -10.95
CA ARG A 861 -29.08 21.09 -10.02
C ARG A 861 -30.17 20.06 -10.27
N ILE A 862 -30.92 20.16 -11.36
CA ILE A 862 -32.05 19.26 -11.59
C ILE A 862 -31.54 17.85 -11.94
N VAL A 863 -32.01 16.86 -11.18
CA VAL A 863 -31.46 15.51 -11.27
C VAL A 863 -31.88 14.85 -12.58
N GLU A 864 -33.16 14.88 -12.88
CA GLU A 864 -33.68 14.13 -14.02
C GLU A 864 -33.30 14.82 -15.32
N PRO A 865 -32.60 14.13 -16.24
CA PRO A 865 -32.07 14.82 -17.43
C PRO A 865 -33.15 15.35 -18.35
N GLU A 866 -34.30 14.68 -18.42
CA GLU A 866 -35.34 15.12 -19.34
C GLU A 866 -36.20 16.23 -18.72
N VAL A 867 -36.38 16.20 -17.40
CA VAL A 867 -36.94 17.36 -16.69
C VAL A 867 -36.03 18.56 -16.85
N TYR A 868 -34.72 18.33 -16.78
CA TYR A 868 -33.72 19.38 -16.98
C TYR A 868 -33.85 19.98 -18.38
N ALA A 869 -33.89 19.12 -19.40
CA ALA A 869 -34.04 19.57 -20.78
C ALA A 869 -35.37 20.28 -21.02
N ALA A 870 -36.42 19.88 -20.30
CA ALA A 870 -37.70 20.57 -20.41
C ALA A 870 -37.64 21.97 -19.80
N PHE A 871 -36.90 22.13 -18.69
CA PHE A 871 -36.75 23.45 -18.10
C PHE A 871 -35.89 24.36 -18.98
N LEU A 872 -34.84 23.80 -19.58
CA LEU A 872 -34.09 24.54 -20.61
C LEU A 872 -34.94 24.87 -21.83
N ALA A 873 -35.86 23.99 -22.22
CA ALA A 873 -36.77 24.32 -23.31
C ALA A 873 -37.72 25.45 -22.92
N LEU A 874 -38.08 25.52 -21.63
CA LEU A 874 -38.91 26.61 -21.14
C LEU A 874 -38.16 27.94 -21.14
N THR A 875 -36.92 27.95 -20.63
CA THR A 875 -36.14 29.19 -20.58
C THR A 875 -35.67 29.63 -21.96
N ASP A 876 -35.33 28.67 -22.82
CA ASP A 876 -34.73 28.97 -24.12
C ASP A 876 -35.16 27.89 -25.10
N PRO A 877 -36.24 28.10 -25.84
CA PRO A 877 -36.70 27.07 -26.79
C PRO A 877 -35.76 26.87 -27.97
N GLY A 878 -35.13 27.94 -28.46
CA GLY A 878 -34.17 27.83 -29.54
C GLY A 878 -32.76 27.64 -29.04
N GLY A 879 -32.57 26.71 -28.12
CA GLY A 879 -31.25 26.45 -27.57
C GLY A 879 -31.17 25.05 -27.00
N ARG A 880 -29.94 24.59 -26.80
CA ARG A 880 -29.68 23.27 -26.25
C ARG A 880 -28.95 23.29 -24.92
N PHE A 881 -28.44 24.44 -24.49
CA PHE A 881 -27.64 24.55 -23.28
C PHE A 881 -28.32 25.49 -22.29
N LEU A 882 -27.74 25.57 -21.10
CA LEU A 882 -28.30 26.35 -19.99
C LEU A 882 -27.33 27.49 -19.69
N LYS A 883 -27.56 28.63 -20.36
CA LYS A 883 -26.68 29.79 -20.23
C LYS A 883 -27.28 30.79 -19.24
N VAL A 884 -27.22 30.44 -17.97
CA VAL A 884 -27.75 31.28 -16.91
C VAL A 884 -26.70 31.48 -15.84
N SER A 885 -26.79 32.62 -15.15
CA SER A 885 -25.89 32.91 -14.05
C SER A 885 -26.31 32.10 -12.81
N PRO A 886 -25.35 31.74 -11.96
CA PRO A 886 -25.70 31.00 -10.73
C PRO A 886 -26.55 31.78 -9.74
N SER A 887 -26.60 33.11 -9.84
CA SER A 887 -27.32 33.94 -8.88
C SER A 887 -28.60 34.55 -9.43
N GLU A 888 -28.74 34.67 -10.75
CA GLU A 888 -29.88 35.38 -11.33
C GLU A 888 -31.16 34.57 -11.20
N ASP A 889 -32.28 35.28 -11.10
CA ASP A 889 -33.60 34.65 -11.02
C ASP A 889 -34.09 34.42 -12.44
N VAL A 890 -34.16 33.15 -12.85
CA VAL A 890 -34.36 32.83 -14.26
C VAL A 890 -35.84 32.72 -14.59
N LEU A 891 -36.59 31.94 -13.79
CA LEU A 891 -38.01 31.77 -14.02
C LEU A 891 -38.82 32.34 -12.86
N PRO A 892 -39.91 33.05 -13.14
CA PRO A 892 -40.75 33.59 -12.07
C PRO A 892 -41.74 32.56 -11.56
N ALA A 893 -42.41 32.92 -10.47
CA ALA A 893 -43.33 32.01 -9.76
C ALA A 893 -44.66 31.98 -10.48
N ASP A 894 -44.90 30.92 -11.24
CA ASP A 894 -46.12 30.77 -12.03
C ASP A 894 -46.97 29.67 -11.42
N GLU A 895 -48.20 30.01 -11.03
CA GLU A 895 -49.13 29.01 -10.51
C GLU A 895 -49.78 28.18 -11.61
N ASN A 896 -49.54 28.49 -12.87
CA ASN A 896 -50.07 27.75 -14.01
C ASN A 896 -48.93 27.30 -14.92
N ARG A 897 -47.87 26.77 -14.34
CA ARG A 897 -46.73 26.23 -15.08
C ARG A 897 -46.78 24.71 -14.97
N HIS A 898 -47.08 24.05 -16.08
CA HIS A 898 -47.11 22.59 -16.16
C HIS A 898 -45.97 22.14 -17.07
N ILE A 899 -44.95 21.54 -16.47
CA ILE A 899 -43.81 21.06 -17.25
C ILE A 899 -44.21 19.80 -18.01
N VAL A 900 -44.42 19.95 -19.32
CA VAL A 900 -44.85 18.84 -20.16
C VAL A 900 -43.64 17.99 -20.48
N LEU A 901 -43.62 16.77 -19.97
CA LEU A 901 -42.48 15.87 -20.17
C LEU A 901 -42.65 15.15 -21.50
N SER A 902 -41.78 14.17 -21.77
CA SER A 902 -41.97 13.32 -22.93
C SER A 902 -43.01 12.24 -22.69
N ASP A 903 -43.36 11.99 -21.42
CA ASP A 903 -44.31 10.94 -21.07
C ASP A 903 -45.24 11.35 -19.93
N ARG A 904 -45.26 12.61 -19.53
CA ARG A 904 -45.91 13.01 -18.29
C ARG A 904 -46.14 14.53 -18.34
N VAL A 905 -47.01 15.02 -17.47
CA VAL A 905 -47.18 16.45 -17.25
C VAL A 905 -47.03 16.73 -15.76
N LEU A 906 -46.01 17.50 -15.40
CA LEU A 906 -45.83 17.89 -14.01
C LEU A 906 -46.84 18.97 -13.62
N GLY A 907 -47.17 19.01 -12.34
CA GLY A 907 -48.04 20.02 -11.81
C GLY A 907 -47.24 21.15 -11.20
N PRO A 908 -47.80 22.36 -11.19
CA PRO A 908 -47.14 23.48 -10.49
C PRO A 908 -47.02 23.26 -9.00
N ARG A 909 -47.89 22.44 -8.40
CA ARG A 909 -47.73 22.07 -7.01
C ARG A 909 -46.67 20.98 -6.82
N ASP A 910 -46.35 20.24 -7.88
CA ASP A 910 -45.43 19.12 -7.76
C ASP A 910 -43.99 19.63 -7.61
N ARG A 911 -43.14 18.75 -7.11
CA ARG A 911 -41.76 19.10 -6.81
C ARG A 911 -40.81 18.24 -7.65
N VAL A 912 -39.57 18.73 -7.78
CA VAL A 912 -38.53 18.11 -8.58
C VAL A 912 -37.39 17.73 -7.64
N LYS A 913 -36.81 16.55 -7.89
CA LYS A 913 -35.54 16.17 -7.27
C LYS A 913 -34.43 17.06 -7.79
N LEU A 914 -33.66 17.64 -6.88
CA LEU A 914 -32.50 18.44 -7.22
C LEU A 914 -31.27 17.93 -6.49
N PHE A 915 -30.11 18.12 -7.11
CA PHE A 915 -28.85 17.82 -6.46
C PHE A 915 -28.68 18.78 -5.27
N PRO A 916 -28.05 18.32 -4.17
CA PRO A 916 -28.00 19.16 -2.96
C PRO A 916 -27.20 20.44 -3.11
N ASP A 917 -25.97 20.36 -3.60
CA ASP A 917 -25.11 21.52 -3.76
C ASP A 917 -24.86 21.80 -5.24
N ASP A 918 -24.48 23.04 -5.53
CA ASP A 918 -24.33 23.50 -6.91
C ASP A 918 -22.93 23.18 -7.42
N ARG A 919 -22.67 21.88 -7.55
CA ARG A 919 -21.45 21.38 -8.17
C ARG A 919 -21.81 20.16 -9.01
N GLY A 920 -20.81 19.62 -9.71
CA GLY A 920 -21.02 18.47 -10.57
C GLY A 920 -21.41 17.23 -9.78
N SER A 921 -22.57 16.66 -10.09
CA SER A 921 -23.09 15.51 -9.36
C SER A 921 -23.81 14.59 -10.31
N ILE A 922 -23.85 13.31 -9.93
CA ILE A 922 -24.62 12.30 -10.64
C ILE A 922 -25.44 11.52 -9.62
N ARG A 923 -26.50 10.89 -10.11
CA ARG A 923 -27.33 10.06 -9.26
C ARG A 923 -26.75 8.65 -9.19
N VAL A 924 -26.57 8.16 -7.96
CA VAL A 924 -26.00 6.84 -7.69
C VAL A 924 -26.91 6.15 -6.69
N ARG A 925 -27.64 5.13 -7.15
CA ARG A 925 -28.38 4.19 -6.29
C ARG A 925 -29.41 4.89 -5.41
N GLY A 926 -30.17 5.80 -6.01
CA GLY A 926 -31.18 6.51 -5.27
C GLY A 926 -30.64 7.65 -4.44
N GLY A 927 -29.38 8.03 -4.61
CA GLY A 927 -28.83 9.17 -3.92
C GLY A 927 -28.04 10.05 -4.86
N ALA A 928 -27.36 11.06 -4.33
CA ALA A 928 -26.52 11.95 -5.13
C ALA A 928 -25.08 11.78 -4.70
N ALA A 929 -24.18 11.67 -5.67
CA ALA A 929 -22.76 11.64 -5.41
C ALA A 929 -22.08 12.72 -6.24
N TYR A 930 -21.14 13.43 -5.61
CA TYR A 930 -20.33 14.39 -6.33
C TYR A 930 -19.45 13.65 -7.33
N ILE A 931 -19.17 14.32 -8.46
CA ILE A 931 -18.24 13.74 -9.40
C ILE A 931 -16.83 13.76 -8.81
N ALA A 932 -16.00 12.85 -9.30
CA ALA A 932 -14.63 12.73 -8.81
C ALA A 932 -13.74 13.78 -9.45
N SER A 933 -12.43 13.61 -9.35
CA SER A 933 -11.50 14.51 -10.01
C SER A 933 -11.67 14.43 -11.51
N PHE A 934 -11.35 15.53 -12.19
CA PHE A 934 -11.59 15.60 -13.63
C PHE A 934 -10.60 14.72 -14.37
N HIS A 935 -11.12 13.94 -15.31
CA HIS A 935 -10.25 13.13 -16.16
C HIS A 935 -9.45 14.01 -17.11
N HIS A 936 -10.10 15.00 -17.70
CA HIS A 936 -9.42 15.90 -18.62
C HIS A 936 -10.22 17.17 -18.74
N ALA A 937 -9.69 18.12 -19.50
CA ALA A 937 -10.42 19.29 -19.95
C ALA A 937 -10.36 19.33 -21.47
N ARG A 938 -11.48 19.66 -22.09
CA ARG A 938 -11.51 19.87 -23.53
C ARG A 938 -11.28 21.35 -23.79
N VAL A 939 -10.30 21.69 -24.60
CA VAL A 939 -9.93 23.07 -24.85
C VAL A 939 -10.76 23.57 -26.01
N PHE A 940 -11.46 24.68 -25.80
CA PHE A 940 -12.26 25.28 -26.85
C PHE A 940 -11.71 26.67 -27.17
N ARG A 941 -11.63 26.96 -28.46
CA ARG A 941 -11.13 28.23 -28.97
C ARG A 941 -12.15 28.82 -29.92
N TRP A 942 -12.60 30.04 -29.62
CA TRP A 942 -13.49 30.74 -30.54
C TRP A 942 -13.00 32.17 -30.76
N GLY A 943 -13.81 32.97 -31.43
CA GLY A 943 -13.45 34.35 -31.68
C GLY A 943 -12.54 34.52 -32.88
N SER A 944 -11.96 35.71 -32.95
CA SER A 944 -11.07 36.08 -34.05
C SER A 944 -9.74 35.34 -33.93
N SER A 945 -9.03 35.25 -35.06
CA SER A 945 -7.72 34.63 -35.05
C SER A 945 -6.66 35.53 -34.42
N HIS A 946 -6.84 36.85 -34.45
CA HIS A 946 -5.85 37.74 -33.87
C HIS A 946 -5.95 37.78 -32.34
N SER A 947 -7.16 37.63 -31.79
CA SER A 947 -7.36 37.62 -30.34
C SER A 947 -8.43 36.59 -30.02
N PRO A 948 -8.05 35.31 -29.96
CA PRO A 948 -9.02 34.26 -29.68
C PRO A 948 -9.44 34.24 -28.22
N SER A 949 -10.54 33.52 -27.96
CA SER A 949 -11.01 33.27 -26.62
C SER A 949 -10.93 31.76 -26.36
N PHE A 950 -10.63 31.42 -25.11
CA PHE A 950 -10.37 30.04 -24.72
C PHE A 950 -11.24 29.66 -23.55
N ALA A 951 -11.50 28.36 -23.43
CA ALA A 951 -12.21 27.82 -22.27
C ALA A 951 -11.90 26.34 -22.15
N LEU A 952 -12.26 25.79 -21.00
CA LEU A 952 -12.09 24.37 -20.74
C LEU A 952 -13.45 23.77 -20.39
N LEU A 953 -13.80 22.69 -21.09
CA LEU A 953 -14.91 21.83 -20.72
C LEU A 953 -14.33 20.73 -19.84
N ARG A 954 -14.44 20.89 -18.53
CA ARG A 954 -13.81 19.98 -17.60
C ARG A 954 -14.65 18.71 -17.49
N VAL A 955 -14.09 17.59 -17.96
CA VAL A 955 -14.79 16.32 -18.08
C VAL A 955 -14.24 15.36 -17.04
N SER A 956 -15.13 14.78 -16.25
CA SER A 956 -14.82 13.81 -15.22
C SER A 956 -15.17 12.41 -15.70
N LEU A 957 -14.92 11.42 -14.84
CA LEU A 957 -15.26 10.04 -15.16
C LEU A 957 -16.75 9.76 -15.06
N ALA A 958 -17.46 10.48 -14.19
CA ALA A 958 -18.91 10.36 -14.13
C ALA A 958 -19.57 10.92 -15.38
N ASP A 959 -18.93 11.90 -16.02
CA ASP A 959 -19.43 12.46 -17.27
C ASP A 959 -19.44 11.41 -18.37
N LEU A 960 -18.36 10.63 -18.46
CA LEU A 960 -18.28 9.55 -19.43
C LEU A 960 -19.14 8.37 -19.00
N ALA A 961 -19.36 8.21 -17.68
CA ALA A 961 -20.16 7.10 -17.19
C ALA A 961 -21.63 7.32 -17.53
N VAL A 962 -22.14 8.53 -17.31
CA VAL A 962 -23.54 8.82 -17.61
C VAL A 962 -23.76 9.15 -19.08
N ALA A 963 -22.69 9.45 -19.82
CA ALA A 963 -22.83 9.63 -21.26
C ALA A 963 -22.69 8.32 -22.03
N GLY A 964 -22.48 7.21 -21.33
CA GLY A 964 -22.29 5.93 -21.98
C GLY A 964 -20.98 5.79 -22.73
N LEU A 965 -19.94 6.50 -22.29
CA LEU A 965 -18.66 6.50 -22.99
C LEU A 965 -17.64 5.56 -22.38
N LEU A 966 -18.01 4.80 -21.35
CA LEU A 966 -17.09 3.86 -20.72
C LEU A 966 -17.28 2.46 -21.30
N ARG A 967 -17.09 2.37 -22.61
CA ARG A 967 -17.27 1.12 -23.33
C ARG A 967 -16.17 1.01 -24.37
N ASP A 968 -16.28 -0.01 -25.23
CA ASP A 968 -15.28 -0.24 -26.27
C ASP A 968 -15.41 0.79 -27.39
N GLY A 969 -14.28 1.10 -28.01
CA GLY A 969 -14.25 1.93 -29.20
C GLY A 969 -14.66 3.37 -29.02
N VAL A 970 -14.30 3.98 -27.89
CA VAL A 970 -14.67 5.35 -27.58
C VAL A 970 -13.40 6.17 -27.36
N ASP A 971 -13.27 7.27 -28.09
CA ASP A 971 -12.27 8.29 -27.82
C ASP A 971 -12.90 9.26 -26.82
N VAL A 972 -12.49 9.17 -25.56
CA VAL A 972 -13.13 9.91 -24.49
C VAL A 972 -12.81 11.40 -24.53
N PHE A 973 -11.82 11.81 -25.31
CA PHE A 973 -11.45 13.22 -25.43
C PHE A 973 -12.16 13.93 -26.56
N THR A 974 -12.88 13.20 -27.42
CA THR A 974 -13.62 13.81 -28.52
C THR A 974 -15.07 13.36 -28.59
N ALA A 975 -15.47 12.30 -27.88
CA ALA A 975 -16.85 11.83 -27.92
C ALA A 975 -17.77 12.84 -27.27
N GLU A 976 -18.90 13.09 -27.92
CA GLU A 976 -19.77 14.20 -27.52
C GLU A 976 -20.53 13.87 -26.25
N LEU A 977 -20.59 14.84 -25.36
CA LEU A 977 -21.32 14.74 -24.10
C LEU A 977 -22.65 15.48 -24.19
N PRO A 978 -23.72 14.91 -23.65
CA PRO A 978 -25.02 15.58 -23.67
C PRO A 978 -25.02 16.80 -22.76
N PRO A 979 -25.92 17.77 -23.00
CA PRO A 979 -25.92 18.99 -22.18
C PRO A 979 -26.27 18.79 -20.71
N TRP A 980 -26.89 17.67 -20.34
CA TRP A 980 -27.25 17.46 -18.95
C TRP A 980 -26.13 16.86 -18.11
N THR A 981 -24.98 16.55 -18.72
CA THR A 981 -23.84 16.08 -17.95
C THR A 981 -23.28 17.24 -17.14
N PRO A 982 -22.63 16.96 -16.01
CA PRO A 982 -22.01 18.04 -15.23
C PRO A 982 -20.89 18.80 -15.93
N ALA A 983 -20.30 18.25 -17.00
CA ALA A 983 -19.35 18.98 -17.82
C ALA A 983 -20.02 20.17 -18.49
N TRP A 984 -21.14 19.94 -19.17
CA TRP A 984 -21.79 21.02 -19.88
C TRP A 984 -22.67 21.84 -18.94
N ARG A 985 -23.08 21.25 -17.81
CA ARG A 985 -23.85 22.00 -16.84
C ARG A 985 -23.00 23.05 -16.15
N TYR A 986 -21.73 22.74 -15.89
CA TYR A 986 -20.89 23.67 -15.14
C TYR A 986 -19.75 24.22 -15.98
N ALA A 987 -19.94 24.24 -17.29
CA ALA A 987 -19.06 25.00 -18.17
C ALA A 987 -19.30 26.50 -18.00
N SER A 988 -18.33 27.29 -18.47
CA SER A 988 -18.44 28.74 -18.34
C SER A 988 -19.51 29.28 -19.29
N ILE A 989 -20.03 30.45 -18.94
CA ILE A 989 -21.15 31.05 -19.67
C ILE A 989 -20.71 31.47 -21.06
N ALA A 990 -19.48 31.99 -21.19
CA ALA A 990 -18.96 32.38 -22.50
C ALA A 990 -18.75 31.18 -23.40
N LEU A 991 -18.26 30.07 -22.83
CA LEU A 991 -18.10 28.83 -23.59
C LEU A 991 -19.44 28.28 -24.04
N VAL A 992 -20.44 28.32 -23.15
CA VAL A 992 -21.77 27.83 -23.49
C VAL A 992 -22.39 28.67 -24.60
N LYS A 993 -22.26 29.99 -24.51
CA LYS A 993 -22.78 30.89 -25.54
C LYS A 993 -22.04 30.74 -26.86
N ALA A 994 -20.75 30.41 -26.82
CA ALA A 994 -20.00 30.25 -28.06
C ALA A 994 -20.29 28.93 -28.75
N VAL A 995 -20.49 27.86 -27.97
CA VAL A 995 -20.89 26.58 -28.57
C VAL A 995 -22.32 26.69 -29.11
N GLU A 996 -23.18 27.44 -28.41
CA GLU A 996 -24.53 27.72 -28.91
C GLU A 996 -24.47 28.52 -30.22
N SER A 997 -23.57 29.50 -30.31
CA SER A 997 -23.45 30.31 -31.51
C SER A 997 -22.77 29.57 -32.66
N GLY A 998 -22.19 28.40 -32.42
CA GLY A 998 -21.52 27.66 -33.47
C GLY A 998 -20.14 28.18 -33.79
N ASP A 999 -19.47 28.82 -32.84
CA ASP A 999 -18.14 29.37 -33.06
C ASP A 999 -17.04 28.64 -32.31
N ALA A 1000 -17.36 27.97 -31.22
CA ALA A 1000 -16.36 27.28 -30.41
C ALA A 1000 -16.27 25.82 -30.85
N LYS A 1001 -15.15 25.47 -31.46
CA LYS A 1001 -14.82 24.09 -31.77
C LYS A 1001 -13.64 23.64 -30.91
N GLN A 1002 -13.64 22.36 -30.55
CA GLN A 1002 -12.58 21.81 -29.72
C GLN A 1002 -11.28 21.73 -30.50
N VAL A 1003 -10.21 22.23 -29.91
CA VAL A 1003 -8.90 22.28 -30.57
C VAL A 1003 -7.88 21.36 -29.91
N GLY A 1004 -8.16 20.84 -28.73
CA GLY A 1004 -7.26 19.91 -28.07
C GLY A 1004 -7.85 19.49 -26.75
N TRP A 1005 -7.12 18.65 -26.04
CA TRP A 1005 -7.50 18.25 -24.70
C TRP A 1005 -6.30 18.36 -23.77
N LEU A 1006 -6.59 18.38 -22.47
CA LEU A 1006 -5.56 18.60 -21.45
C LEU A 1006 -5.87 17.69 -20.27
N VAL A 1007 -5.05 16.65 -20.08
CA VAL A 1007 -5.17 15.81 -18.90
C VAL A 1007 -4.33 16.43 -17.78
N PRO A 1008 -4.59 16.12 -16.51
CA PRO A 1008 -3.66 16.55 -15.46
C PRO A 1008 -2.30 15.89 -15.62
N GLY A 1009 -1.28 16.67 -15.95
CA GLY A 1009 0.04 16.14 -16.17
C GLY A 1009 0.61 16.54 -17.52
N ASP A 1010 -0.20 17.22 -18.33
CA ASP A 1010 0.31 17.75 -19.59
C ASP A 1010 1.25 18.91 -19.31
N GLU A 1011 2.40 18.88 -19.96
CA GLU A 1011 3.39 19.93 -19.82
C GLU A 1011 3.06 21.08 -20.77
N LEU A 1012 3.10 22.30 -20.25
CA LEU A 1012 3.00 23.51 -21.05
C LEU A 1012 4.38 24.14 -21.15
N ASP A 1013 4.78 24.50 -22.36
CA ASP A 1013 6.04 25.16 -22.64
C ASP A 1013 5.73 26.59 -23.07
N PHE A 1014 6.20 27.55 -22.29
CA PHE A 1014 5.97 28.95 -22.57
C PHE A 1014 7.06 29.54 -23.47
N GLY A 1015 8.00 28.74 -23.92
CA GLY A 1015 9.03 29.18 -24.83
C GLY A 1015 10.25 29.70 -24.09
N PRO A 1016 11.27 30.14 -24.84
CA PRO A 1016 12.47 30.69 -24.20
C PRO A 1016 12.24 32.04 -23.54
N GLU A 1017 11.16 32.73 -23.88
CA GLU A 1017 10.86 34.05 -23.33
C GLU A 1017 10.16 33.99 -21.98
N GLY A 1018 9.78 32.81 -21.51
CA GLY A 1018 9.10 32.70 -20.24
C GLY A 1018 7.64 33.12 -20.31
N VAL A 1019 7.09 33.45 -19.14
CA VAL A 1019 5.69 33.83 -19.00
C VAL A 1019 5.61 35.30 -18.59
N THR A 1020 4.63 36.02 -19.15
CA THR A 1020 4.49 37.45 -19.00
C THR A 1020 3.40 37.85 -18.01
N THR A 1021 2.40 37.01 -17.78
CA THR A 1021 1.19 37.38 -17.04
C THR A 1021 1.36 37.25 -15.52
N ALA A 1022 2.58 37.36 -15.02
CA ALA A 1022 2.85 37.25 -13.59
C ALA A 1022 2.38 38.48 -12.84
N ALA A 1023 1.92 38.25 -11.60
CA ALA A 1023 1.49 39.32 -10.70
C ALA A 1023 1.45 38.79 -9.28
N GLY A 1024 2.00 39.57 -8.34
CA GLY A 1024 1.85 39.29 -6.92
C GLY A 1024 2.78 38.23 -6.36
N ASP A 1025 2.49 36.97 -6.65
CA ASP A 1025 3.32 35.85 -6.22
C ASP A 1025 4.14 35.25 -7.35
N LEU A 1026 3.60 35.24 -8.57
CA LEU A 1026 4.32 34.68 -9.70
C LEU A 1026 5.45 35.59 -10.14
N SER A 1027 5.27 36.91 -10.02
CA SER A 1027 6.34 37.86 -10.34
C SER A 1027 7.53 37.68 -9.40
N MET A 1028 7.26 37.47 -8.11
CA MET A 1028 8.34 37.19 -7.17
C MET A 1028 8.89 35.78 -7.37
N PHE A 1029 8.08 34.85 -7.87
CA PHE A 1029 8.61 33.52 -8.19
C PHE A 1029 9.57 33.56 -9.36
N LEU A 1030 9.34 34.44 -10.33
CA LEU A 1030 10.18 34.47 -11.53
C LEU A 1030 11.45 35.29 -11.38
N LYS A 1031 11.64 36.01 -10.27
CA LYS A 1031 12.92 36.69 -10.08
C LYS A 1031 14.00 35.73 -9.61
N TYR A 1032 13.61 34.59 -9.04
CA TYR A 1032 14.54 33.53 -8.66
C TYR A 1032 14.41 32.29 -9.52
N PHE A 1033 13.23 32.03 -10.07
CA PHE A 1033 12.95 30.80 -10.82
C PHE A 1033 12.28 31.16 -12.14
N PRO A 1034 13.06 31.49 -13.17
CA PRO A 1034 12.47 31.75 -14.48
C PRO A 1034 12.01 30.48 -15.18
N GLU A 1035 10.81 30.01 -14.84
CA GLU A 1035 10.33 28.70 -15.26
C GLU A 1035 9.46 28.82 -16.51
N ARG A 1036 9.84 28.11 -17.56
CA ARG A 1036 9.07 28.08 -18.80
C ARG A 1036 8.22 26.82 -18.93
N HIS A 1037 8.47 25.80 -18.11
CA HIS A 1037 7.81 24.51 -18.23
C HIS A 1037 6.88 24.32 -17.03
N TRP A 1038 5.59 24.16 -17.30
CA TRP A 1038 4.58 24.12 -16.25
C TRP A 1038 3.71 22.88 -16.42
N VAL A 1039 3.41 22.21 -15.31
CA VAL A 1039 2.67 20.95 -15.32
C VAL A 1039 1.27 21.24 -14.80
N VAL A 1040 0.27 20.81 -15.57
CA VAL A 1040 -1.12 20.85 -15.15
C VAL A 1040 -1.33 19.86 -14.01
N THR A 1041 -1.92 20.33 -12.91
CA THR A 1041 -2.29 19.46 -11.81
C THR A 1041 -3.79 19.34 -11.61
N GLY A 1042 -4.57 20.29 -12.09
CA GLY A 1042 -6.00 20.26 -11.85
C GLY A 1042 -6.68 21.40 -12.57
N PHE A 1043 -8.01 21.43 -12.40
CA PHE A 1043 -8.90 22.36 -13.10
C PHE A 1043 -9.89 22.84 -12.04
N GLU A 1044 -9.53 23.92 -11.33
CA GLU A 1044 -10.21 24.25 -10.08
C GLU A 1044 -11.64 24.74 -10.30
N ASP A 1045 -11.83 25.69 -11.22
CA ASP A 1045 -13.18 25.99 -11.69
C ASP A 1045 -13.10 26.29 -13.19
N ASP A 1046 -14.16 26.89 -13.73
CA ASP A 1046 -14.34 27.02 -15.18
C ASP A 1046 -13.34 27.97 -15.84
N LYS A 1047 -12.66 28.84 -15.08
CA LYS A 1047 -11.74 29.80 -15.68
C LYS A 1047 -10.35 29.71 -15.05
N ARG A 1048 -9.99 28.55 -14.52
CA ARG A 1048 -8.72 28.41 -13.80
C ARG A 1048 -8.10 27.05 -14.09
N ILE A 1049 -6.80 27.07 -14.37
CA ILE A 1049 -6.00 25.86 -14.57
C ILE A 1049 -4.83 25.91 -13.59
N ASN A 1050 -4.65 24.84 -12.83
CA ASN A 1050 -3.63 24.79 -11.80
C ASN A 1050 -2.31 24.32 -12.40
N LEU A 1051 -1.29 25.20 -12.36
CA LEU A 1051 0.00 24.92 -12.96
C LEU A 1051 1.08 25.00 -11.89
N LYS A 1052 1.99 24.04 -11.90
CA LYS A 1052 3.17 24.06 -11.05
C LYS A 1052 4.39 24.03 -11.96
N PRO A 1053 5.56 24.51 -11.51
CA PRO A 1053 6.75 24.38 -12.36
C PRO A 1053 7.18 22.92 -12.50
N ALA A 1054 7.51 22.54 -13.74
CA ALA A 1054 7.91 21.16 -14.02
C ALA A 1054 9.24 20.83 -13.36
N PHE A 1055 10.14 21.81 -13.32
CA PHE A 1055 11.54 21.59 -13.02
C PHE A 1055 11.83 21.53 -11.53
N LEU A 1056 10.87 21.92 -10.69
CA LEU A 1056 11.07 22.09 -9.26
C LEU A 1056 10.22 21.06 -8.51
N SER A 1057 10.79 20.49 -7.46
CA SER A 1057 10.11 19.43 -6.74
C SER A 1057 9.02 19.99 -5.83
N ALA A 1058 8.19 19.09 -5.33
CA ALA A 1058 7.14 19.41 -4.36
C ALA A 1058 7.44 18.89 -2.97
N GLU A 1059 8.06 17.70 -2.86
CA GLU A 1059 8.53 17.23 -1.56
C GLU A 1059 9.68 18.09 -1.04
N GLN A 1060 10.46 18.67 -1.95
CA GLN A 1060 11.44 19.68 -1.58
C GLN A 1060 10.76 20.87 -0.94
N ALA A 1061 9.66 21.34 -1.52
CA ALA A 1061 8.92 22.46 -0.94
C ALA A 1061 8.32 22.08 0.41
N GLU A 1062 7.89 20.82 0.56
CA GLU A 1062 7.39 20.34 1.84
C GLU A 1062 8.48 20.37 2.91
N VAL A 1063 9.69 19.91 2.58
CA VAL A 1063 10.73 19.86 3.61
C VAL A 1063 11.32 21.24 3.88
N LEU A 1064 11.31 22.16 2.90
CA LEU A 1064 11.64 23.56 3.17
C LEU A 1064 10.63 24.20 4.10
N ARG A 1065 9.34 23.98 3.87
CA ARG A 1065 8.32 24.59 4.73
C ARG A 1065 8.32 23.97 6.12
N THR A 1066 8.72 22.70 6.24
CA THR A 1066 8.91 22.12 7.56
C THR A 1066 10.14 22.72 8.25
N GLU A 1067 11.26 22.81 7.53
CA GLU A 1067 12.53 23.24 8.10
C GLU A 1067 12.63 24.74 8.29
N ARG A 1068 11.63 25.52 7.87
CA ARG A 1068 11.63 26.95 8.16
C ARG A 1068 11.52 27.22 9.66
N SER A 1069 10.71 26.44 10.37
CA SER A 1069 10.45 26.65 11.79
C SER A 1069 11.42 25.91 12.71
N ASP A 1070 12.46 25.28 12.16
CA ASP A 1070 13.40 24.54 13.00
C ASP A 1070 14.31 25.48 13.79
N ARG A 1071 14.71 26.59 13.18
CA ARG A 1071 15.69 27.50 13.74
C ARG A 1071 15.23 28.91 13.37
N PRO A 1072 15.74 29.99 14.01
CA PRO A 1072 15.33 31.35 13.60
C PRO A 1072 15.85 31.78 12.23
N ASP A 1073 15.07 31.45 11.20
CA ASP A 1073 15.26 31.84 9.80
C ASP A 1073 16.55 31.26 9.22
N THR A 1074 16.54 29.93 9.11
CA THR A 1074 17.58 29.22 8.37
C THR A 1074 17.50 29.52 6.87
N LEU A 1075 16.34 29.95 6.38
CA LEU A 1075 16.16 30.13 4.95
C LEU A 1075 16.66 31.50 4.52
N THR A 1076 16.84 31.64 3.22
CA THR A 1076 17.05 32.94 2.60
C THR A 1076 15.76 33.39 1.91
N GLU A 1077 15.86 34.51 1.19
CA GLU A 1077 14.68 35.14 0.58
C GLU A 1077 14.11 34.28 -0.53
N ALA A 1078 14.98 33.63 -1.33
CA ALA A 1078 14.49 32.77 -2.40
C ALA A 1078 13.81 31.53 -1.85
N GLY A 1079 14.29 31.02 -0.71
CA GLY A 1079 13.61 29.93 -0.04
C GLY A 1079 12.25 30.34 0.47
N GLU A 1080 12.13 31.58 0.98
CA GLU A 1080 10.82 32.07 1.39
C GLU A 1080 9.88 32.25 0.21
N ILE A 1081 10.41 32.71 -0.93
CA ILE A 1081 9.60 32.84 -2.15
C ILE A 1081 9.09 31.48 -2.62
N LEU A 1082 9.98 30.47 -2.61
CA LEU A 1082 9.57 29.12 -3.02
C LEU A 1082 8.53 28.53 -2.06
N ALA A 1083 8.74 28.72 -0.75
CA ALA A 1083 7.82 28.19 0.24
C ALA A 1083 6.47 28.91 0.23
N GLN A 1084 6.43 30.17 -0.18
CA GLN A 1084 5.15 30.87 -0.28
C GLN A 1084 4.54 30.81 -1.67
N PHE A 1085 5.25 30.27 -2.66
CA PHE A 1085 4.61 29.92 -3.93
C PHE A 1085 3.95 28.55 -3.84
N PHE A 1086 4.72 27.55 -3.42
CA PHE A 1086 4.17 26.22 -3.22
C PHE A 1086 3.28 26.20 -1.97
N PRO A 1087 2.34 25.24 -1.86
CA PRO A 1087 1.94 24.15 -2.77
C PRO A 1087 0.78 24.50 -3.67
N ARG A 1088 0.17 25.68 -3.50
CA ARG A 1088 -0.89 26.11 -4.39
C ARG A 1088 -0.36 26.46 -5.77
N CYS A 1089 0.91 26.88 -5.83
CA CYS A 1089 1.67 27.19 -7.06
C CYS A 1089 0.93 28.26 -7.86
N TRP A 1090 0.67 28.06 -9.14
CA TRP A 1090 0.07 29.08 -10.00
C TRP A 1090 -1.37 28.72 -10.32
N ARG A 1091 -2.31 29.43 -9.69
CA ARG A 1091 -3.73 29.33 -9.98
C ARG A 1091 -4.04 30.26 -11.14
N ALA A 1092 -3.88 29.73 -12.35
CA ALA A 1092 -3.80 30.55 -13.55
C ALA A 1092 -5.20 30.93 -14.02
N THR A 1093 -5.29 31.49 -15.21
CA THR A 1093 -6.56 31.86 -15.81
C THR A 1093 -6.51 31.44 -17.27
N VAL A 1094 -7.53 30.69 -17.70
CA VAL A 1094 -7.46 29.91 -18.94
C VAL A 1094 -7.36 30.83 -20.16
N ALA A 1095 -8.22 31.86 -20.21
CA ALA A 1095 -8.21 32.79 -21.33
C ALA A 1095 -6.99 33.69 -21.34
N LYS A 1096 -6.25 33.77 -20.24
CA LYS A 1096 -4.98 34.47 -20.21
C LYS A 1096 -3.81 33.58 -20.61
N VAL A 1097 -3.77 32.35 -20.10
CA VAL A 1097 -2.56 31.54 -20.28
C VAL A 1097 -2.58 30.83 -21.62
N LEU A 1098 -3.75 30.57 -22.19
CA LEU A 1098 -3.74 29.91 -23.49
C LEU A 1098 -3.56 30.88 -24.64
N CYS A 1099 -3.51 32.18 -24.37
CA CYS A 1099 -3.25 33.19 -25.39
C CYS A 1099 -1.82 33.71 -25.39
N HIS A 1100 -0.92 33.09 -24.62
CA HIS A 1100 0.50 33.43 -24.74
C HIS A 1100 1.01 33.04 -26.12
N PRO A 1101 1.75 33.92 -26.81
CA PRO A 1101 2.42 33.52 -28.03
C PRO A 1101 3.54 32.54 -27.72
N GLY A 1102 3.65 31.51 -28.54
CA GLY A 1102 4.66 30.49 -28.35
C GLY A 1102 4.34 29.44 -27.29
N LEU A 1103 3.14 29.46 -26.73
CA LEU A 1103 2.75 28.43 -25.79
C LEU A 1103 2.49 27.12 -26.54
N THR A 1104 3.06 26.04 -26.06
CA THR A 1104 2.89 24.74 -26.68
C THR A 1104 2.57 23.72 -25.60
N VAL A 1105 1.51 22.94 -25.80
CA VAL A 1105 1.27 21.79 -24.93
C VAL A 1105 2.15 20.65 -25.43
N ILE A 1106 3.16 20.28 -24.64
CA ILE A 1106 4.21 19.37 -25.05
C ILE A 1106 3.82 17.96 -24.61
N ARG A 1107 3.72 17.06 -25.57
CA ARG A 1107 3.56 15.64 -25.30
C ARG A 1107 4.84 14.95 -25.73
N ARG A 1108 5.54 14.33 -24.79
CA ARG A 1108 6.89 13.85 -25.04
C ARG A 1108 6.90 12.38 -25.38
N THR A 1109 7.95 11.98 -26.11
CA THR A 1109 8.26 10.58 -26.32
C THR A 1109 8.96 10.02 -25.08
N ALA A 1110 9.35 8.75 -25.15
CA ALA A 1110 10.00 8.11 -24.02
C ALA A 1110 11.41 8.65 -23.77
N LEU A 1111 12.04 9.25 -24.77
CA LEU A 1111 13.37 9.83 -24.64
C LEU A 1111 13.33 11.29 -24.22
N GLY A 1112 12.18 11.80 -23.78
CA GLY A 1112 12.07 13.16 -23.32
C GLY A 1112 11.95 14.18 -24.43
N GLN A 1113 11.83 13.74 -25.67
CA GLN A 1113 11.71 14.61 -26.83
C GLN A 1113 10.25 14.82 -27.18
N PRO A 1114 9.86 16.05 -27.55
CA PRO A 1114 8.44 16.33 -27.81
C PRO A 1114 7.95 15.66 -29.09
N ARG A 1115 6.86 14.92 -28.96
CA ARG A 1115 6.26 14.22 -30.10
C ARG A 1115 5.51 15.24 -30.95
N TRP A 1116 6.01 15.50 -32.15
CA TRP A 1116 5.44 16.52 -33.02
C TRP A 1116 4.72 15.95 -34.23
N ARG A 1117 5.20 14.85 -34.79
CA ARG A 1117 4.52 14.24 -35.92
C ARG A 1117 3.25 13.56 -35.44
N ARG A 1118 2.13 13.86 -36.11
CA ARG A 1118 0.83 13.39 -35.67
C ARG A 1118 0.62 11.96 -36.17
N GLY A 1119 0.58 11.02 -35.24
CA GLY A 1119 0.32 9.63 -35.57
C GLY A 1119 -0.81 9.04 -34.75
N HIS A 1120 -0.54 7.96 -34.03
CA HIS A 1120 -1.53 7.30 -33.20
C HIS A 1120 -1.15 7.34 -31.72
N LEU A 1121 -0.36 8.34 -31.36
CA LEU A 1121 0.10 8.61 -30.01
C LEU A 1121 -0.13 10.09 -29.74
N PRO A 1122 -0.23 10.50 -28.47
CA PRO A 1122 -0.50 11.92 -28.17
C PRO A 1122 0.66 12.81 -28.59
N TYR A 1123 0.35 13.83 -29.37
CA TYR A 1123 1.34 14.70 -29.99
C TYR A 1123 1.30 16.09 -29.36
N SER A 1124 2.34 16.87 -29.62
CA SER A 1124 2.37 18.23 -29.16
C SER A 1124 1.50 19.12 -30.05
N TRP A 1125 0.97 20.18 -29.45
CA TRP A 1125 0.06 21.07 -30.15
C TRP A 1125 0.11 22.46 -29.53
N ARG A 1126 0.05 23.48 -30.39
CA ARG A 1126 -0.01 24.86 -29.93
C ARG A 1126 -1.47 25.27 -29.77
N PRO A 1127 -1.91 25.69 -28.58
CA PRO A 1127 -3.33 26.06 -28.41
C PRO A 1127 -3.79 27.25 -29.26
N TRP A 1128 -2.88 28.17 -29.59
CA TRP A 1128 -3.26 29.34 -30.38
C TRP A 1128 -3.56 28.97 -31.82
N SER A 1129 -2.85 27.98 -32.38
CA SER A 1129 -2.96 27.65 -33.79
C SER A 1129 -3.38 26.19 -34.02
N ALA A 1130 -4.03 25.57 -33.04
CA ALA A 1130 -4.47 24.20 -33.18
C ALA A 1130 -5.66 24.11 -34.12
N ASP A 1131 -5.54 23.26 -35.14
CA ASP A 1131 -6.66 23.02 -36.04
C ASP A 1131 -7.80 22.28 -35.33
N PRO A 1132 -9.05 22.47 -35.76
CA PRO A 1132 -10.17 21.81 -35.08
C PRO A 1132 -10.15 20.30 -35.24
N TRP A 1133 -10.79 19.64 -34.27
CA TRP A 1133 -10.85 18.18 -34.27
C TRP A 1133 -11.74 17.67 -35.40
N SER A 1134 -11.38 16.51 -35.92
CA SER A 1134 -12.08 15.92 -37.06
C SER A 1134 -13.48 15.44 -36.68
#